data_8UBB
#
_entry.id   8UBB
#
_cell.length_a   1.00
_cell.length_b   1.00
_cell.length_c   1.00
_cell.angle_alpha   90.00
_cell.angle_beta   90.00
_cell.angle_gamma   90.00
#
_symmetry.space_group_name_H-M   'P 1'
#
loop_
_entity.id
_entity.type
_entity.pdbx_description
1 polymer 'Reverse transcriptase'
2 polymer Avd
3 polymer 'Diversity-generating retroelement (DGR) RNA avd'
4 polymer 'Diversity-generating retroelement (DGR) RNA TR'
5 polymer 'Diversity-generating retroelement (DGR) RNA Sp'
#
loop_
_entity_poly.entity_id
_entity_poly.type
_entity_poly.pdbx_seq_one_letter_code
_entity_poly.pdbx_strand_id
1 'polypeptide(L)'
;MGKRHRNLIDQITTWENLLDAYRKTSHGKRRTWGYLEFKEYDLANLLALQAELKAGNYERGPYREFLVYEPKPRLISALE
FKDRLVQHALCNIVAPIFEAGLLPYTYACRPDKGTHAGVCHVQAELRRTRATHFLKSDFSKFFPSIDRAALYAMIDKKIH
CAATRRLLRVVLPDEGVGIPIGSLTSQLFANVYGGAVDRLLHDELKQRHWARYMDDIVVLGDDPEELRAVFYRLRDFASE
RLGLKISHWQVAPVSRGINFLGYRIWPTHKLLRKSSVKRAKRKVANFIKHGEDESLQRFLASWSGHAQWADTHNLFTWME
EQYGIACH
;
A
2 'polypeptide(L)'
;MEPIEEATKCYDQMLIVERYERVISYLYPIAQSIPRKHGVAREMFLKCLLGQVELFIVAGKSNQVSKLYAADAGLAMLRF
WLRFLAGIQKPHAMTPHQVETAQVLIAEVGRILGSWIARVNRKGTKVQVGEALVGDGNEVAHIDLIIGPRGSPAETAFCN
GLVNNKHGFTSLLAVIAPNLPCKPNTLMFNKVTINDARQAVQMFGPAQHGVAMAVQDAVAEGIIPADEADDLYVLVGVFI
HWEAADDAKIQKYNYEATKLSIQRAVNGEPKASVVTEQRKSATHPFAANA
;
B,C,D,E,F
3 'polyribonucleotide' GGGGCAGGCUGGGAAAUAA G
4 'polyribonucleotide' CGCUGCUGCGCGGCGUCUAUGCCCAUCACCUUCUUG H
5 'polyribonucleotide'
;CAUGGCUCUGCCAACGCUACGGCUUGGCGGGCUGGCCUUUCCUCAAUAGGUGGUCAGCCGGUUCUGUCCUGCUUCGGCGA
ACACGUUACACGGUUCGGCAAAACGUCGAUUACUGAAAAUGGAAAGGCGGGGCCGACUUC
;
I
#
loop_
_chem_comp.id
_chem_comp.type
_chem_comp.name
_chem_comp.formula
A RNA linking ADENOSINE-5'-MONOPHOSPHATE 'C10 H14 N5 O7 P'
C RNA linking CYTIDINE-5'-MONOPHOSPHATE 'C9 H14 N3 O8 P'
G RNA linking GUANOSINE-5'-MONOPHOSPHATE 'C10 H14 N5 O8 P'
U RNA linking URIDINE-5'-MONOPHOSPHATE 'C9 H13 N2 O9 P'
#
# COMPACT_ATOMS: atom_id res chain seq x y z
N MET A 1 25.86 32.20 10.21
CA MET A 1 26.96 31.26 10.03
C MET A 1 28.03 31.84 9.13
N GLY A 2 28.75 32.82 9.65
CA GLY A 2 29.58 33.66 8.81
C GLY A 2 28.80 34.57 7.90
N LYS A 3 27.47 34.60 8.12
CA LYS A 3 26.56 35.37 7.25
C LYS A 3 26.54 34.64 5.90
N ARG A 4 26.40 35.38 4.81
CA ARG A 4 26.38 34.77 3.47
C ARG A 4 25.35 33.66 3.51
N HIS A 5 25.67 32.46 3.04
CA HIS A 5 24.73 31.32 2.87
C HIS A 5 24.78 31.10 1.38
N ARG A 6 25.97 31.19 0.79
CA ARG A 6 26.09 31.22 -0.68
C ARG A 6 26.08 29.85 -1.35
N ASN A 7 25.30 28.91 -0.85
CA ASN A 7 25.15 27.65 -1.58
C ASN A 7 24.10 26.83 -0.88
N LEU A 8 22.88 27.35 -0.86
CA LEU A 8 21.79 26.64 -0.22
C LEU A 8 21.07 25.70 -1.17
N ILE A 9 21.08 26.01 -2.47
CA ILE A 9 20.44 25.14 -3.43
C ILE A 9 21.12 23.78 -3.48
N ASP A 10 22.39 23.71 -3.07
CA ASP A 10 23.04 22.41 -2.91
C ASP A 10 22.44 21.65 -1.73
N GLN A 11 22.11 22.35 -0.64
CA GLN A 11 21.52 21.70 0.52
C GLN A 11 20.01 21.51 0.38
N ILE A 12 19.36 22.37 -0.40
CA ILE A 12 17.92 22.26 -0.58
C ILE A 12 17.59 21.02 -1.38
N THR A 13 18.46 20.67 -2.30
CA THR A 13 18.29 19.55 -3.20
C THR A 13 19.08 18.34 -2.76
N THR A 14 19.85 18.42 -1.68
CA THR A 14 20.40 17.19 -1.15
C THR A 14 19.25 16.21 -1.02
N TRP A 15 19.46 15.00 -1.50
CA TRP A 15 18.43 13.99 -1.40
C TRP A 15 17.97 13.86 0.05
N GLU A 16 18.91 13.92 0.99
CA GLU A 16 18.59 13.78 2.40
C GLU A 16 17.66 14.88 2.88
N ASN A 17 17.66 16.03 2.19
CA ASN A 17 16.76 17.13 2.51
C ASN A 17 15.41 17.01 1.81
N LEU A 18 15.41 16.65 0.53
CA LEU A 18 14.16 16.44 -0.19
C LEU A 18 13.38 15.29 0.39
N LEU A 19 14.07 14.31 0.98
CA LEU A 19 13.39 13.25 1.71
C LEU A 19 12.79 13.79 3.00
N ASP A 20 13.50 14.70 3.68
CA ASP A 20 12.90 15.39 4.80
C ASP A 20 11.74 16.26 4.33
N ALA A 21 11.96 17.04 3.27
CA ALA A 21 10.88 17.81 2.68
C ALA A 21 9.72 16.94 2.28
N TYR A 22 10.02 15.79 1.66
CA TYR A 22 8.97 14.84 1.31
C TYR A 22 8.22 14.37 2.55
N ARG A 23 8.94 13.91 3.58
CA ARG A 23 8.26 13.44 4.78
C ARG A 23 7.51 14.56 5.48
N LYS A 24 8.02 15.80 5.40
CA LYS A 24 7.32 16.94 5.96
C LYS A 24 6.11 17.33 5.13
N THR A 25 6.22 17.24 3.80
CA THR A 25 5.11 17.58 2.93
C THR A 25 3.99 16.58 3.05
N SER A 26 4.35 15.31 3.19
CA SER A 26 3.37 14.25 3.34
C SER A 26 2.83 14.14 4.75
N HIS A 27 3.59 14.62 5.73
CA HIS A 27 3.15 14.63 7.12
C HIS A 27 1.75 15.19 7.21
N GLY A 28 0.80 14.33 7.56
CA GLY A 28 -0.60 14.70 7.60
C GLY A 28 -1.25 14.59 6.25
N LYS A 29 -0.52 14.92 5.19
CA LYS A 29 -1.07 14.86 3.84
C LYS A 29 -1.00 13.46 3.26
N ARG A 30 -0.60 12.47 4.06
CA ARG A 30 -0.54 11.08 3.61
C ARG A 30 -1.92 10.48 3.41
N ARG A 31 -2.82 11.26 2.85
CA ARG A 31 -4.21 10.80 2.69
C ARG A 31 -4.81 11.77 1.71
N THR A 32 -3.96 12.37 0.90
CA THR A 32 -4.37 13.37 -0.05
C THR A 32 -3.98 12.91 -1.45
N TRP A 33 -4.65 13.44 -2.46
CA TRP A 33 -4.29 13.08 -3.82
C TRP A 33 -2.85 13.45 -4.12
N GLY A 34 -2.35 14.51 -3.49
CA GLY A 34 -0.99 14.96 -3.77
C GLY A 34 0.05 14.00 -3.27
N TYR A 35 -0.02 13.64 -1.99
CA TYR A 35 0.88 12.62 -1.47
C TYR A 35 0.71 11.31 -2.23
N LEU A 36 -0.52 10.85 -2.37
CA LEU A 36 -0.77 9.55 -2.96
C LEU A 36 -0.46 9.48 -4.44
N GLU A 37 -0.48 10.61 -5.14
CA GLU A 37 -0.01 10.56 -6.52
C GLU A 37 1.50 10.66 -6.58
N PHE A 38 2.07 11.31 -5.56
CA PHE A 38 3.51 11.43 -5.41
C PHE A 38 4.10 10.16 -4.79
N LYS A 39 3.45 9.64 -3.75
CA LYS A 39 3.95 8.45 -3.05
C LYS A 39 4.21 7.29 -4.01
N GLU A 40 3.48 7.22 -5.11
CA GLU A 40 3.61 6.11 -6.06
C GLU A 40 5.07 5.89 -6.40
N TYR A 41 5.63 6.81 -7.17
CA TYR A 41 7.07 6.83 -7.42
C TYR A 41 7.71 7.95 -6.60
N ASP A 42 7.65 7.82 -5.27
CA ASP A 42 8.06 8.93 -4.42
C ASP A 42 9.51 9.29 -4.66
N LEU A 43 10.40 8.31 -4.58
CA LEU A 43 11.82 8.61 -4.66
C LEU A 43 12.29 8.81 -6.10
N ALA A 44 11.53 8.33 -7.08
CA ALA A 44 11.83 8.75 -8.44
C ALA A 44 11.27 10.14 -8.71
N ASN A 45 10.23 10.54 -7.98
CA ASN A 45 9.72 11.91 -8.09
C ASN A 45 10.66 12.90 -7.43
N LEU A 46 11.13 12.58 -6.23
CA LEU A 46 12.15 13.38 -5.58
C LEU A 46 13.46 13.39 -6.32
N LEU A 47 13.68 12.45 -7.23
CA LEU A 47 14.89 12.47 -8.04
C LEU A 47 14.75 13.36 -9.26
N ALA A 48 13.51 13.61 -9.70
CA ALA A 48 13.20 14.56 -10.74
C ALA A 48 12.88 15.94 -10.18
N LEU A 49 12.63 16.03 -8.88
CA LEU A 49 12.53 17.29 -8.17
C LEU A 49 13.91 17.77 -7.75
N GLN A 50 14.66 16.91 -7.04
CA GLN A 50 16.06 17.17 -6.77
C GLN A 50 16.74 17.73 -8.00
N ALA A 51 16.60 17.03 -9.12
CA ALA A 51 17.23 17.42 -10.36
C ALA A 51 16.47 18.51 -11.11
N GLU A 52 15.25 18.85 -10.69
CA GLU A 52 14.65 20.08 -11.17
C GLU A 52 15.12 21.27 -10.36
N LEU A 53 15.39 21.03 -9.07
CA LEU A 53 15.88 22.11 -8.19
C LEU A 53 17.38 22.25 -8.41
N LYS A 54 18.11 21.15 -8.45
CA LYS A 54 19.55 21.18 -8.71
C LYS A 54 19.85 21.78 -10.07
N ALA A 55 18.97 21.57 -11.04
CA ALA A 55 19.04 22.28 -12.30
C ALA A 55 18.67 23.74 -12.05
N GLY A 56 17.41 23.97 -11.73
CA GLY A 56 16.89 25.31 -11.62
C GLY A 56 15.68 25.38 -12.51
N ASN A 57 15.46 24.27 -13.22
CA ASN A 57 14.22 24.07 -13.96
C ASN A 57 13.02 23.96 -13.06
N TYR A 58 13.20 24.04 -11.74
CA TYR A 58 12.03 24.00 -10.90
C TYR A 58 11.16 25.21 -11.19
N GLU A 59 9.89 24.95 -11.44
CA GLU A 59 8.90 25.98 -11.61
C GLU A 59 7.68 25.56 -10.81
N ARG A 60 7.17 26.48 -10.02
CA ARG A 60 6.07 26.19 -9.11
C ARG A 60 4.78 26.03 -9.90
N GLY A 61 4.12 24.88 -9.75
CA GLY A 61 2.90 24.61 -10.48
C GLY A 61 1.77 25.50 -10.02
N PRO A 62 0.60 25.35 -10.66
CA PRO A 62 -0.51 26.24 -10.35
C PRO A 62 -0.87 26.17 -8.87
N TYR A 63 -1.00 27.35 -8.25
CA TYR A 63 -1.65 27.43 -6.95
C TYR A 63 -3.10 26.98 -7.12
N ARG A 64 -3.39 25.75 -6.70
CA ARG A 64 -4.72 25.18 -6.90
C ARG A 64 -5.79 26.11 -6.34
N GLU A 65 -6.42 26.91 -7.20
CA GLU A 65 -7.32 27.99 -6.79
C GLU A 65 -8.51 27.50 -5.96
N PHE A 66 -8.49 27.82 -4.67
CA PHE A 66 -9.60 27.55 -3.76
C PHE A 66 -9.42 28.42 -2.53
N LEU A 67 -10.49 28.62 -1.77
CA LEU A 67 -10.41 29.53 -0.63
C LEU A 67 -11.36 29.06 0.47
N VAL A 68 -11.14 29.63 1.66
CA VAL A 68 -12.03 29.51 2.80
C VAL A 68 -12.53 30.90 3.14
N TYR A 69 -13.84 31.04 3.33
CA TYR A 69 -14.40 32.37 3.54
C TYR A 69 -14.24 32.80 4.99
N GLU A 70 -15.09 32.26 5.88
CA GLU A 70 -15.09 32.60 7.29
C GLU A 70 -15.00 34.12 7.49
N PRO A 71 -15.83 34.91 6.75
CA PRO A 71 -15.67 36.39 6.71
C PRO A 71 -14.34 36.99 7.13
N LYS A 72 -13.29 36.37 6.67
CA LYS A 72 -11.92 36.82 6.72
C LYS A 72 -11.31 36.07 5.56
N PRO A 73 -11.74 36.37 4.33
CA PRO A 73 -11.45 35.46 3.21
C PRO A 73 -9.98 35.54 2.89
N ARG A 74 -9.33 34.38 2.88
CA ARG A 74 -7.98 34.23 2.39
C ARG A 74 -8.03 33.33 1.17
N LEU A 75 -7.42 33.78 0.08
CA LEU A 75 -7.32 32.93 -1.11
C LEU A 75 -6.20 31.95 -0.83
N ILE A 76 -6.54 30.84 -0.16
CA ILE A 76 -5.50 29.90 0.26
C ILE A 76 -5.36 28.80 -0.78
N SER A 77 -5.20 29.23 -2.04
CA SER A 77 -4.93 28.30 -3.12
C SER A 77 -3.86 27.30 -2.72
N ALA A 78 -4.17 26.02 -2.90
CA ALA A 78 -3.26 24.96 -2.49
C ALA A 78 -2.05 24.93 -3.41
N LEU A 79 -1.14 24.00 -3.14
CA LEU A 79 -0.02 23.77 -4.02
C LEU A 79 0.09 22.28 -4.25
N GLU A 80 0.65 21.93 -5.40
CA GLU A 80 0.89 20.52 -5.62
C GLU A 80 1.81 20.00 -4.53
N PHE A 81 1.62 18.73 -4.18
CA PHE A 81 2.58 18.07 -3.31
C PHE A 81 3.99 18.40 -3.75
N LYS A 82 4.27 18.15 -5.02
CA LYS A 82 5.53 18.56 -5.63
C LYS A 82 5.88 20.00 -5.25
N ASP A 83 4.91 20.90 -5.30
CA ASP A 83 5.21 22.29 -4.99
C ASP A 83 5.34 22.52 -3.49
N ARG A 84 4.47 21.91 -2.69
CA ARG A 84 4.64 21.98 -1.23
C ARG A 84 5.89 21.24 -0.77
N LEU A 85 6.36 20.27 -1.56
CA LEU A 85 7.57 19.55 -1.25
C LEU A 85 8.80 20.38 -1.55
N VAL A 86 8.80 21.05 -2.70
CA VAL A 86 9.86 22.01 -2.98
C VAL A 86 9.87 23.12 -1.95
N GLN A 87 8.70 23.62 -1.58
CA GLN A 87 8.64 24.63 -0.53
C GLN A 87 9.17 24.08 0.78
N HIS A 88 8.83 22.84 1.11
CA HIS A 88 9.37 22.23 2.32
C HIS A 88 10.86 21.98 2.23
N ALA A 89 11.39 21.84 1.02
CA ALA A 89 12.81 21.58 0.81
C ALA A 89 13.62 22.86 0.79
N LEU A 90 13.02 23.93 0.29
CA LEU A 90 13.47 25.27 0.60
C LEU A 90 13.47 25.51 2.10
N CYS A 91 12.28 25.53 2.69
CA CYS A 91 12.06 25.97 4.06
C CYS A 91 12.55 24.93 5.07
N ASN A 92 13.52 24.13 4.66
CA ASN A 92 14.29 23.26 5.53
C ASN A 92 15.71 23.71 5.67
N ILE A 93 16.20 24.34 4.63
CA ILE A 93 17.49 24.99 4.62
C ILE A 93 17.34 26.50 4.64
N VAL A 94 16.36 27.03 3.89
CA VAL A 94 16.11 28.46 3.87
C VAL A 94 15.45 28.92 5.17
N ALA A 95 14.56 28.11 5.75
CA ALA A 95 13.88 28.54 6.96
C ALA A 95 14.82 28.70 8.15
N PRO A 96 15.67 27.72 8.50
CA PRO A 96 16.59 27.96 9.62
C PRO A 96 17.49 29.17 9.46
N ILE A 97 17.79 29.62 8.24
CA ILE A 97 18.69 30.77 8.13
C ILE A 97 17.93 32.10 8.14
N PHE A 98 16.60 32.06 8.07
CA PHE A 98 15.76 33.23 8.28
C PHE A 98 15.19 33.29 9.68
N GLU A 99 14.68 32.16 10.15
CA GLU A 99 14.14 32.00 11.48
C GLU A 99 15.20 32.03 12.56
N ALA A 100 16.48 32.06 12.17
CA ALA A 100 17.51 32.36 13.14
C ALA A 100 17.68 33.86 13.33
N GLY A 101 17.53 34.63 12.25
CA GLY A 101 17.52 36.07 12.37
C GLY A 101 16.31 36.61 13.08
N LEU A 102 15.24 35.83 13.15
CA LEU A 102 14.00 36.31 13.75
C LEU A 102 14.22 36.59 15.22
N LEU A 103 14.01 37.85 15.59
CA LEU A 103 14.20 38.19 16.98
C LEU A 103 13.35 37.25 17.83
N PRO A 104 13.88 36.86 19.00
CA PRO A 104 13.24 35.80 19.79
C PRO A 104 11.76 35.99 19.95
N TYR A 105 11.34 37.23 19.89
CA TYR A 105 9.94 37.57 20.20
C TYR A 105 9.01 37.32 19.03
N THR A 106 9.53 37.11 17.82
CA THR A 106 8.63 36.75 16.72
C THR A 106 8.17 35.36 17.03
N TYR A 107 7.03 35.23 17.70
CA TYR A 107 6.63 33.88 18.17
C TYR A 107 5.75 33.21 17.13
N ALA A 108 5.94 33.56 15.86
CA ALA A 108 5.20 32.90 14.82
C ALA A 108 6.06 31.81 14.19
N CYS A 109 5.48 31.17 13.18
CA CYS A 109 6.02 30.03 12.45
C CYS A 109 7.53 29.92 12.62
N ARG A 110 7.91 29.40 13.77
CA ARG A 110 9.25 29.02 14.12
C ARG A 110 9.12 27.72 14.88
N PRO A 111 10.12 26.85 14.82
CA PRO A 111 10.11 25.69 15.70
C PRO A 111 10.02 26.14 17.14
N ASP A 112 8.98 25.67 17.84
CA ASP A 112 8.87 25.85 19.28
C ASP A 112 8.90 27.32 19.70
N LYS A 113 8.67 28.22 18.77
CA LYS A 113 8.23 29.59 19.05
C LYS A 113 6.83 29.61 18.47
N GLY A 114 5.90 29.04 19.23
CA GLY A 114 4.57 28.81 18.74
C GLY A 114 3.60 29.89 19.18
N THR A 115 2.35 29.73 18.71
CA THR A 115 1.23 30.50 19.24
C THR A 115 1.32 30.61 20.75
N HIS A 116 1.55 29.49 21.40
CA HIS A 116 1.43 29.43 22.84
C HIS A 116 2.70 29.94 23.51
N ALA A 117 3.87 29.68 22.92
CA ALA A 117 5.06 30.40 23.36
C ALA A 117 4.88 31.91 23.17
N GLY A 118 4.04 32.32 22.22
CA GLY A 118 3.76 33.73 22.05
C GLY A 118 2.89 34.30 23.14
N VAL A 119 1.71 33.70 23.37
CA VAL A 119 0.86 34.18 24.44
C VAL A 119 1.60 34.14 25.77
N CYS A 120 2.42 33.10 25.96
CA CYS A 120 3.23 33.02 27.16
C CYS A 120 4.30 34.11 27.17
N HIS A 121 5.00 34.33 26.04
CA HIS A 121 5.93 35.45 25.99
C HIS A 121 5.27 36.75 26.39
N VAL A 122 4.08 37.00 25.85
CA VAL A 122 3.40 38.27 26.11
C VAL A 122 3.06 38.38 27.60
N GLN A 123 2.33 37.39 28.12
CA GLN A 123 2.06 37.34 29.55
C GLN A 123 3.34 37.51 30.35
N ALA A 124 4.34 36.70 30.05
CA ALA A 124 5.62 36.80 30.76
C ALA A 124 6.19 38.20 30.68
N GLU A 125 6.37 38.71 29.46
CA GLU A 125 6.96 40.03 29.30
C GLU A 125 6.03 41.12 29.83
N LEU A 126 4.79 40.76 30.14
CA LEU A 126 3.79 41.61 30.79
C LEU A 126 3.99 41.63 32.29
N ARG A 127 4.26 40.45 32.83
CA ARG A 127 4.59 40.36 34.27
C ARG A 127 5.90 41.10 34.40
N ARG A 128 7.02 40.45 34.07
CA ARG A 128 8.24 41.24 34.07
C ARG A 128 8.04 42.45 33.18
N THR A 129 8.83 43.50 33.45
CA THR A 129 8.59 44.87 32.97
C THR A 129 7.31 45.44 33.57
N ARG A 130 6.49 44.59 34.20
CA ARG A 130 5.25 45.02 34.85
C ARG A 130 4.54 46.02 33.96
N ALA A 131 4.38 45.65 32.69
CA ALA A 131 3.87 46.58 31.71
C ALA A 131 2.62 47.24 32.24
N THR A 132 2.68 48.56 32.36
CA THR A 132 1.50 49.32 32.68
C THR A 132 0.63 49.49 31.45
N HIS A 133 1.19 49.25 30.27
CA HIS A 133 0.52 49.54 29.01
C HIS A 133 1.04 48.62 27.94
N PHE A 134 0.41 48.72 26.77
CA PHE A 134 0.81 47.84 25.69
C PHE A 134 0.22 48.33 24.39
N LEU A 135 1.02 48.22 23.35
CA LEU A 135 0.59 48.45 21.98
C LEU A 135 0.38 47.10 21.33
N LYS A 136 -0.83 46.86 20.84
CA LYS A 136 -1.08 45.72 19.98
C LYS A 136 -1.43 46.25 18.59
N SER A 137 -0.76 45.73 17.58
CA SER A 137 -1.04 46.11 16.22
C SER A 137 -1.26 44.84 15.42
N ASP A 138 -1.48 45.01 14.13
CA ASP A 138 -1.93 43.92 13.30
C ASP A 138 -1.88 44.43 11.87
N PHE A 139 -1.49 43.57 10.94
CA PHE A 139 -1.26 44.04 9.58
C PHE A 139 -2.47 43.67 8.74
N SER A 140 -2.94 44.67 7.97
CA SER A 140 -4.24 44.69 7.31
C SER A 140 -4.60 43.37 6.65
N LYS A 141 -4.02 43.18 5.47
CA LYS A 141 -4.07 41.94 4.73
C LYS A 141 -2.59 41.62 4.56
N PHE A 142 -2.02 40.97 5.58
CA PHE A 142 -0.58 40.84 5.72
C PHE A 142 0.03 40.15 4.51
N PHE A 143 -0.21 38.85 4.39
CA PHE A 143 0.30 38.09 3.25
C PHE A 143 -0.04 38.74 1.92
N PRO A 144 -1.28 39.20 1.67
CA PRO A 144 -1.53 39.93 0.41
C PRO A 144 -1.06 41.38 0.45
N SER A 145 -0.05 41.66 1.28
CA SER A 145 0.58 42.98 1.29
C SER A 145 2.08 42.90 1.45
N ILE A 146 2.62 41.74 1.81
CA ILE A 146 4.06 41.54 1.81
C ILE A 146 4.56 41.96 0.45
N ASP A 147 5.45 42.96 0.43
CA ASP A 147 5.85 43.57 -0.83
C ASP A 147 6.25 42.53 -1.85
N ARG A 148 6.63 41.33 -1.41
CA ARG A 148 7.15 40.33 -2.31
C ARG A 148 8.17 40.96 -3.25
N ALA A 149 9.09 41.73 -2.67
CA ALA A 149 9.94 42.66 -3.41
C ALA A 149 10.88 43.42 -2.47
N ALA A 150 10.33 43.93 -1.38
CA ALA A 150 11.12 44.25 -0.19
C ALA A 150 11.16 43.08 0.77
N LEU A 151 10.34 42.06 0.53
CA LEU A 151 10.59 40.74 1.08
C LEU A 151 11.90 40.16 0.54
N TYR A 152 12.05 40.14 -0.79
CA TYR A 152 13.27 39.66 -1.47
C TYR A 152 14.36 40.72 -1.47
N ALA A 153 14.55 41.25 -0.33
CA ALA A 153 15.73 42.00 0.01
C ALA A 153 16.22 41.58 1.38
N MET A 154 15.30 41.09 2.20
CA MET A 154 15.43 40.24 3.38
C MET A 154 15.69 38.78 3.02
N ILE A 155 15.01 38.24 2.01
CA ILE A 155 15.23 36.87 1.55
C ILE A 155 16.53 36.84 0.73
N ASP A 156 17.21 37.96 0.72
CA ASP A 156 18.29 38.20 -0.20
C ASP A 156 19.44 38.93 0.45
N LYS A 157 19.28 39.34 1.69
CA LYS A 157 20.39 39.67 2.57
C LYS A 157 20.80 38.46 3.40
N LYS A 158 20.14 37.34 3.11
CA LYS A 158 20.34 36.12 3.92
C LYS A 158 20.35 34.87 3.06
N ILE A 159 20.10 34.96 1.75
CA ILE A 159 20.22 33.72 0.93
C ILE A 159 21.57 33.76 0.22
N HIS A 160 21.84 34.76 -0.61
CA HIS A 160 23.21 34.88 -1.18
C HIS A 160 23.54 33.75 -2.15
N CYS A 161 22.84 32.63 -2.09
CA CYS A 161 23.02 31.48 -2.97
C CYS A 161 22.12 31.74 -4.17
N ALA A 162 22.70 32.15 -5.28
CA ALA A 162 21.88 32.55 -6.41
C ALA A 162 21.35 31.34 -7.18
N ALA A 163 20.52 30.53 -6.49
CA ALA A 163 19.73 29.41 -7.02
C ALA A 163 18.75 28.90 -6.00
N THR A 164 19.15 28.96 -4.74
CA THR A 164 18.17 29.10 -3.68
C THR A 164 17.35 30.34 -3.93
N ARG A 165 18.03 31.46 -4.16
CA ARG A 165 17.36 32.71 -4.51
C ARG A 165 16.44 32.53 -5.71
N ARG A 166 16.85 31.75 -6.71
CA ARG A 166 16.00 31.56 -7.87
C ARG A 166 14.95 30.49 -7.66
N LEU A 167 15.19 29.58 -6.71
CA LEU A 167 14.17 28.66 -6.23
C LEU A 167 13.17 29.34 -5.31
N LEU A 168 13.66 30.21 -4.43
CA LEU A 168 12.77 31.06 -3.63
C LEU A 168 11.88 31.88 -4.54
N ARG A 169 12.45 32.40 -5.62
CA ARG A 169 11.72 33.25 -6.56
C ARG A 169 10.84 32.46 -7.52
N VAL A 170 11.01 31.15 -7.63
CA VAL A 170 10.01 30.35 -8.32
C VAL A 170 8.85 30.07 -7.40
N VAL A 171 9.18 29.64 -6.19
CA VAL A 171 8.24 29.32 -5.14
C VAL A 171 7.45 30.55 -4.71
N LEU A 172 7.89 31.71 -5.14
CA LEU A 172 7.41 33.00 -4.68
C LEU A 172 8.05 34.07 -5.56
N PRO A 173 7.39 34.47 -6.65
CA PRO A 173 8.05 35.42 -7.54
C PRO A 173 8.36 36.71 -6.81
N ASP A 174 9.53 37.26 -7.11
CA ASP A 174 9.95 38.57 -6.65
C ASP A 174 9.12 39.70 -7.24
N GLU A 175 8.09 39.31 -7.98
CA GLU A 175 7.21 40.21 -8.71
C GLU A 175 5.84 40.17 -8.06
N GLY A 176 5.61 41.06 -7.11
CA GLY A 176 4.28 41.17 -6.55
C GLY A 176 4.23 42.17 -5.43
N VAL A 177 3.15 42.05 -4.66
CA VAL A 177 2.90 42.71 -3.38
C VAL A 177 1.92 41.76 -2.71
N GLY A 178 2.26 40.48 -2.67
CA GLY A 178 1.26 39.51 -2.27
C GLY A 178 1.79 38.11 -2.15
N ILE A 179 2.27 37.80 -0.95
CA ILE A 179 2.72 36.44 -0.64
C ILE A 179 1.51 35.52 -0.58
N PRO A 180 1.50 34.38 -1.28
CA PRO A 180 0.32 33.50 -1.24
C PRO A 180 0.13 32.90 0.15
N ILE A 181 -1.01 33.20 0.76
CA ILE A 181 -1.22 32.76 2.14
C ILE A 181 -1.45 31.25 2.17
N GLY A 182 -0.74 30.57 3.04
CA GLY A 182 -0.82 29.13 3.07
C GLY A 182 0.21 28.55 2.13
N SER A 183 1.46 28.74 2.51
CA SER A 183 2.63 28.20 1.83
C SER A 183 3.66 28.12 2.92
N LEU A 184 4.35 26.98 3.08
CA LEU A 184 5.41 26.98 4.06
C LEU A 184 6.37 28.12 3.78
N THR A 185 6.68 28.32 2.50
CA THR A 185 7.58 29.40 2.13
C THR A 185 7.09 30.74 2.64
N SER A 186 5.77 30.92 2.67
CA SER A 186 5.18 32.21 2.96
C SER A 186 4.98 32.47 4.45
N GLN A 187 4.61 31.45 5.24
CA GLN A 187 4.65 31.62 6.69
C GLN A 187 6.03 32.09 7.10
N LEU A 188 7.06 31.39 6.62
CA LEU A 188 8.43 31.82 6.82
C LEU A 188 8.64 33.22 6.26
N PHE A 189 8.44 33.40 4.95
CA PHE A 189 8.70 34.69 4.33
C PHE A 189 7.80 35.78 4.86
N ALA A 190 6.66 35.45 5.44
CA ALA A 190 5.90 36.49 6.11
C ALA A 190 6.42 36.73 7.51
N ASN A 191 6.79 35.66 8.20
CA ASN A 191 7.53 35.81 9.44
C ASN A 191 8.79 36.61 9.21
N VAL A 192 9.54 36.27 8.16
CA VAL A 192 10.75 37.00 7.82
C VAL A 192 10.44 38.45 7.50
N TYR A 193 9.39 38.67 6.72
CA TYR A 193 8.99 40.01 6.32
C TYR A 193 8.56 40.84 7.51
N GLY A 194 7.56 40.36 8.24
CA GLY A 194 7.19 40.98 9.49
C GLY A 194 8.29 40.91 10.53
N GLY A 195 9.31 40.10 10.29
CA GLY A 195 10.53 40.20 11.06
C GLY A 195 11.27 41.51 10.85
N ALA A 196 11.00 42.21 9.75
CA ALA A 196 11.56 43.54 9.59
C ALA A 196 10.97 44.53 10.60
N VAL A 197 9.71 44.30 10.97
CA VAL A 197 9.07 45.15 12.00
C VAL A 197 9.69 44.79 13.34
N ASP A 198 9.97 43.52 13.56
CA ASP A 198 10.54 43.06 14.84
C ASP A 198 11.94 43.60 14.97
N ARG A 199 12.54 44.03 13.88
CA ARG A 199 13.89 44.63 13.97
C ARG A 199 13.72 46.15 14.04
N LEU A 200 12.58 46.70 13.66
CA LEU A 200 12.30 48.11 13.91
C LEU A 200 11.68 48.33 15.28
N LEU A 201 11.40 47.25 16.01
CA LEU A 201 10.93 47.33 17.38
C LEU A 201 12.08 47.14 18.34
N HIS A 202 12.79 46.07 18.08
CA HIS A 202 13.82 45.60 18.96
C HIS A 202 15.15 46.27 18.68
N ASP A 203 15.44 46.51 17.40
CA ASP A 203 16.71 47.10 17.03
C ASP A 203 16.59 48.62 17.07
N GLU A 204 16.08 49.23 16.01
CA GLU A 204 15.55 50.58 16.17
C GLU A 204 14.39 50.53 17.17
N LEU A 205 14.12 51.68 17.80
CA LEU A 205 13.02 51.78 18.76
C LEU A 205 13.33 51.05 20.07
N LYS A 206 14.18 50.03 20.01
CA LYS A 206 14.70 49.37 21.19
C LYS A 206 13.58 48.87 22.09
N GLN A 207 12.44 48.56 21.49
CA GLN A 207 11.38 47.88 22.23
C GLN A 207 11.87 46.50 22.60
N ARG A 208 12.01 46.25 23.90
CA ARG A 208 12.50 44.96 24.34
C ARG A 208 11.40 44.06 24.86
N HIS A 209 10.20 44.58 25.03
CA HIS A 209 9.06 43.78 25.44
C HIS A 209 8.05 43.89 24.32
N TRP A 210 8.12 42.91 23.43
CA TRP A 210 7.14 42.83 22.40
C TRP A 210 6.95 41.36 22.09
N ALA A 211 6.10 41.11 21.12
CA ALA A 211 5.88 39.78 20.60
C ALA A 211 5.25 40.05 19.27
N ARG A 212 5.67 39.30 18.29
CA ARG A 212 4.99 39.35 17.01
C ARG A 212 4.60 37.92 16.67
N TYR A 213 3.33 37.72 16.38
CA TYR A 213 2.96 36.45 15.78
C TYR A 213 2.42 36.75 14.39
N MET A 214 3.23 36.38 13.41
CA MET A 214 3.09 36.76 12.01
C MET A 214 2.72 38.22 11.88
N ASP A 215 1.43 38.52 11.74
CA ASP A 215 1.05 39.90 11.50
C ASP A 215 0.63 40.68 12.74
N ASP A 216 0.34 40.00 13.85
CA ASP A 216 -0.04 40.69 15.09
C ASP A 216 1.20 40.95 15.94
N ILE A 217 1.30 42.18 16.46
CA ILE A 217 2.48 42.70 17.16
C ILE A 217 2.12 43.41 18.46
N VAL A 218 2.30 42.70 19.56
CA VAL A 218 2.13 43.27 20.90
C VAL A 218 3.41 44.00 21.28
N VAL A 219 3.28 45.16 21.93
CA VAL A 219 4.45 45.94 22.33
C VAL A 219 4.27 46.57 23.72
N LEU A 220 4.38 45.77 24.78
CA LEU A 220 4.17 46.27 26.14
C LEU A 220 5.06 47.47 26.43
N GLY A 221 4.46 48.49 27.05
CA GLY A 221 5.22 49.65 27.46
C GLY A 221 5.04 49.95 28.94
N ASP A 222 4.93 51.24 29.23
CA ASP A 222 4.95 51.78 30.58
C ASP A 222 4.57 53.25 30.49
N ASP A 223 4.88 53.82 29.34
CA ASP A 223 4.31 55.09 28.90
C ASP A 223 3.54 54.79 27.62
N PRO A 224 2.20 54.87 27.65
CA PRO A 224 1.41 54.49 26.46
C PRO A 224 1.53 55.49 25.31
N GLU A 225 2.18 56.63 25.53
CA GLU A 225 2.51 57.54 24.45
C GLU A 225 3.86 57.21 23.83
N GLU A 226 4.69 56.45 24.53
CA GLU A 226 5.90 55.88 23.94
C GLU A 226 5.59 54.67 23.07
N LEU A 227 4.44 54.03 23.29
CA LEU A 227 3.98 52.96 22.42
C LEU A 227 3.11 53.46 21.29
N ARG A 228 2.37 54.55 21.48
CA ARG A 228 1.80 55.20 20.32
C ARG A 228 2.92 55.74 19.44
N ALA A 229 3.98 56.25 20.06
CA ALA A 229 5.21 56.52 19.32
C ALA A 229 5.68 55.28 18.59
N VAL A 230 6.09 54.26 19.34
CA VAL A 230 6.49 52.97 18.76
C VAL A 230 5.53 52.57 17.66
N PHE A 231 4.23 52.62 17.93
CA PHE A 231 3.28 52.22 16.91
C PHE A 231 3.39 53.10 15.67
N TYR A 232 3.35 54.43 15.88
CA TYR A 232 3.49 55.32 14.74
C TYR A 232 4.76 55.01 13.96
N ARG A 233 5.87 54.81 14.68
CA ARG A 233 7.12 54.45 14.02
C ARG A 233 7.01 53.12 13.31
N LEU A 234 6.28 52.17 13.90
CA LEU A 234 6.09 50.84 13.35
C LEU A 234 5.22 50.87 12.09
N ARG A 235 4.16 51.67 12.13
CA ARG A 235 3.26 51.80 10.99
C ARG A 235 3.95 52.51 9.84
N ASP A 236 4.59 53.65 10.13
CA ASP A 236 5.34 54.37 9.11
C ASP A 236 6.39 53.47 8.48
N PHE A 237 7.13 52.70 9.29
CA PHE A 237 8.07 51.74 8.74
C PHE A 237 7.35 50.72 7.86
N ALA A 238 6.46 49.93 8.47
CA ALA A 238 5.84 48.83 7.75
C ALA A 238 4.97 49.29 6.59
N SER A 239 4.62 50.58 6.53
CA SER A 239 3.94 51.09 5.34
C SER A 239 4.93 51.53 4.27
N GLU A 240 5.93 52.33 4.65
CA GLU A 240 6.88 52.86 3.67
C GLU A 240 7.85 51.78 3.20
N ARG A 241 8.27 50.89 4.09
CA ARG A 241 9.26 49.89 3.77
C ARG A 241 8.64 48.58 3.32
N LEU A 242 7.55 48.18 3.97
CA LEU A 242 6.99 46.86 3.75
C LEU A 242 5.67 46.88 3.01
N GLY A 243 5.11 48.05 2.73
CA GLY A 243 3.79 48.07 2.10
C GLY A 243 2.74 47.36 2.91
N LEU A 244 3.02 47.12 4.19
CA LEU A 244 2.06 46.58 5.13
C LEU A 244 1.26 47.75 5.69
N LYS A 245 -0.02 47.80 5.35
CA LYS A 245 -0.93 48.65 6.09
C LYS A 245 -1.24 47.96 7.41
N ILE A 246 -1.32 48.76 8.47
CA ILE A 246 -1.75 48.25 9.77
C ILE A 246 -3.27 48.33 9.82
N SER A 247 -3.94 47.18 9.76
CA SER A 247 -5.40 47.11 9.88
C SER A 247 -5.89 47.69 11.18
N HIS A 248 -5.67 46.94 12.25
CA HIS A 248 -6.04 47.37 13.60
C HIS A 248 -4.80 47.64 14.42
N TRP A 249 -4.90 48.62 15.29
CA TRP A 249 -3.93 48.77 16.34
C TRP A 249 -4.62 49.35 17.56
N GLN A 250 -3.95 49.25 18.70
CA GLN A 250 -4.40 49.87 19.93
C GLN A 250 -3.19 50.01 20.84
N VAL A 251 -3.18 51.07 21.66
CA VAL A 251 -2.15 51.13 22.69
C VAL A 251 -2.83 50.96 24.05
N ALA A 252 -3.92 50.19 24.07
CA ALA A 252 -4.65 49.81 25.27
C ALA A 252 -3.78 49.68 26.51
N PRO A 253 -4.27 50.13 27.67
CA PRO A 253 -3.58 49.77 28.91
C PRO A 253 -3.55 48.25 29.07
N VAL A 254 -2.46 47.73 29.65
CA VAL A 254 -2.52 46.36 30.11
C VAL A 254 -3.60 46.30 31.16
N SER A 255 -4.82 46.02 30.73
CA SER A 255 -6.01 46.17 31.55
C SER A 255 -7.20 45.97 30.63
N ARG A 256 -7.01 46.41 29.39
CA ARG A 256 -7.89 45.95 28.34
C ARG A 256 -7.58 44.51 27.98
N GLY A 257 -6.32 44.10 28.13
CA GLY A 257 -5.93 42.76 27.79
C GLY A 257 -5.35 42.76 26.39
N ILE A 258 -4.30 41.98 26.22
CA ILE A 258 -3.63 41.88 24.94
C ILE A 258 -4.26 40.74 24.17
N ASN A 259 -5.11 41.08 23.19
CA ASN A 259 -5.82 40.07 22.39
C ASN A 259 -4.88 39.37 21.43
N PHE A 260 -3.81 38.83 21.99
CA PHE A 260 -2.77 38.26 21.18
C PHE A 260 -3.11 36.81 20.89
N LEU A 261 -3.04 36.43 19.62
CA LEU A 261 -2.93 35.02 19.25
C LEU A 261 -4.17 34.24 19.62
N GLY A 262 -5.34 34.85 19.47
CA GLY A 262 -6.55 34.18 19.91
C GLY A 262 -6.55 34.02 21.40
N TYR A 263 -5.97 34.97 22.11
CA TYR A 263 -5.98 34.95 23.56
C TYR A 263 -6.40 36.33 24.03
N ARG A 264 -6.11 36.59 25.30
CA ARG A 264 -6.39 37.85 25.97
C ARG A 264 -5.54 37.70 27.20
N ILE A 265 -4.50 38.52 27.32
CA ILE A 265 -3.38 38.19 28.16
C ILE A 265 -3.15 39.37 29.06
N TRP A 266 -3.67 39.30 30.26
CA TRP A 266 -3.24 40.20 31.30
C TRP A 266 -1.96 39.65 31.94
N PRO A 267 -1.21 40.47 32.68
CA PRO A 267 -0.09 39.90 33.46
C PRO A 267 -0.56 38.69 34.20
N THR A 268 -1.85 38.75 34.49
CA THR A 268 -2.59 37.91 35.39
C THR A 268 -3.17 36.70 34.67
N HIS A 269 -4.04 36.91 33.70
CA HIS A 269 -4.71 35.75 33.10
C HIS A 269 -4.59 35.78 31.59
N LYS A 270 -4.65 34.58 31.01
CA LYS A 270 -4.51 34.48 29.56
C LYS A 270 -5.77 33.83 29.00
N LEU A 271 -6.92 34.50 29.13
CA LEU A 271 -8.21 33.96 28.64
C LEU A 271 -8.21 33.92 27.12
N LEU A 272 -8.35 32.75 26.48
CA LEU A 272 -8.47 32.77 25.04
C LEU A 272 -9.50 33.81 24.65
N ARG A 273 -9.41 34.28 23.41
CA ARG A 273 -10.34 35.32 23.00
C ARG A 273 -11.75 34.75 23.00
N LYS A 274 -12.71 35.63 23.28
CA LYS A 274 -14.07 35.16 23.51
C LYS A 274 -14.69 34.51 22.28
N SER A 275 -14.10 34.73 21.09
CA SER A 275 -14.60 34.09 19.89
C SER A 275 -14.25 32.60 19.85
N SER A 276 -13.04 32.25 20.31
CA SER A 276 -12.71 30.84 20.47
C SER A 276 -13.72 30.17 21.38
N VAL A 277 -14.02 30.80 22.52
CA VAL A 277 -15.04 30.32 23.44
C VAL A 277 -16.35 30.10 22.71
N LYS A 278 -16.87 31.17 22.09
CA LYS A 278 -18.16 31.12 21.44
C LYS A 278 -18.22 30.04 20.38
N ARG A 279 -17.19 29.94 19.53
CA ARG A 279 -17.07 28.82 18.61
C ARG A 279 -17.20 27.50 19.37
N ALA A 280 -16.36 27.33 20.39
CA ALA A 280 -16.32 26.08 21.13
C ALA A 280 -17.65 25.82 21.82
N LYS A 281 -18.13 26.78 22.61
CA LYS A 281 -19.48 26.72 23.18
C LYS A 281 -20.49 26.24 22.14
N ARG A 282 -20.56 26.95 21.02
CA ARG A 282 -21.50 26.57 19.97
C ARG A 282 -21.16 25.20 19.40
N LYS A 283 -19.88 24.92 19.15
CA LYS A 283 -19.48 23.61 18.65
C LYS A 283 -19.96 22.50 19.59
N VAL A 284 -19.71 22.66 20.89
CA VAL A 284 -20.17 21.70 21.89
C VAL A 284 -21.70 21.57 21.84
N ALA A 285 -22.39 22.69 22.00
CA ALA A 285 -23.85 22.68 22.00
C ALA A 285 -24.40 21.99 20.75
N ASN A 286 -23.86 22.34 19.58
CA ASN A 286 -24.25 21.65 18.35
C ASN A 286 -24.03 20.14 18.47
N PHE A 287 -22.79 19.75 18.80
CA PHE A 287 -22.45 18.34 18.97
C PHE A 287 -23.45 17.62 19.87
N ILE A 288 -23.86 18.27 20.97
CA ILE A 288 -24.85 17.68 21.87
C ILE A 288 -26.16 17.42 21.14
N LYS A 289 -26.73 18.47 20.56
CA LYS A 289 -27.98 18.42 19.79
C LYS A 289 -27.74 18.03 18.33
N HIS A 290 -26.74 17.19 18.09
CA HIS A 290 -26.55 16.51 16.82
C HIS A 290 -26.39 15.01 17.03
N GLY A 291 -26.41 14.55 18.29
CA GLY A 291 -26.10 13.18 18.60
C GLY A 291 -24.65 12.80 18.34
N GLU A 292 -23.77 13.79 18.20
CA GLU A 292 -22.37 13.56 17.86
C GLU A 292 -21.50 13.79 19.09
N ASP A 293 -21.87 13.16 20.20
CA ASP A 293 -21.21 13.34 21.49
C ASP A 293 -20.01 12.42 21.67
N GLU A 294 -19.36 12.02 20.57
CA GLU A 294 -18.25 11.08 20.58
C GLU A 294 -17.09 11.64 19.75
N SER A 295 -17.43 12.40 18.70
CA SER A 295 -16.50 13.30 18.06
C SER A 295 -16.32 14.57 18.85
N LEU A 296 -17.28 14.89 19.72
CA LEU A 296 -17.14 15.98 20.67
C LEU A 296 -16.01 15.71 21.66
N GLN A 297 -15.80 14.45 22.03
CA GLN A 297 -14.67 14.13 22.90
C GLN A 297 -13.35 14.39 22.18
N ARG A 298 -13.29 14.11 20.88
CA ARG A 298 -12.10 14.46 20.10
C ARG A 298 -11.92 15.98 20.06
N PHE A 299 -12.97 16.72 19.69
CA PHE A 299 -12.88 18.18 19.65
C PHE A 299 -12.52 18.74 21.02
N LEU A 300 -13.16 18.22 22.07
CA LEU A 300 -12.89 18.66 23.43
C LEU A 300 -11.42 18.51 23.78
N ALA A 301 -10.90 17.29 23.63
CA ALA A 301 -9.49 17.03 23.88
C ALA A 301 -8.61 18.04 23.17
N SER A 302 -8.87 18.24 21.88
CA SER A 302 -8.12 19.22 21.10
C SER A 302 -8.28 20.63 21.66
N TRP A 303 -9.52 21.04 21.92
CA TRP A 303 -9.75 22.39 22.43
C TRP A 303 -9.14 22.57 23.80
N SER A 304 -9.13 21.50 24.61
CA SER A 304 -8.46 21.57 25.90
C SER A 304 -6.96 21.82 25.74
N GLY A 305 -6.40 21.39 24.61
CA GLY A 305 -5.01 21.74 24.33
C GLY A 305 -4.85 23.21 23.99
N HIS A 306 -5.74 23.74 23.14
CA HIS A 306 -5.70 25.16 22.84
C HIS A 306 -5.99 26.02 24.07
N ALA A 307 -6.60 25.44 25.11
CA ALA A 307 -7.02 26.17 26.29
C ALA A 307 -6.28 25.77 27.55
N GLN A 308 -5.47 24.71 27.51
CA GLN A 308 -4.63 24.39 28.67
C GLN A 308 -3.65 25.52 28.96
N TRP A 309 -3.24 26.24 27.92
CA TRP A 309 -2.40 27.41 28.08
C TRP A 309 -3.20 28.53 28.75
N ALA A 310 -4.32 28.90 28.13
CA ALA A 310 -5.21 29.93 28.64
C ALA A 310 -5.68 29.61 30.06
N ASP A 311 -6.08 30.66 30.77
CA ASP A 311 -6.59 30.51 32.13
C ASP A 311 -8.06 30.10 32.08
N THR A 312 -8.27 28.89 31.54
CA THR A 312 -9.61 28.37 31.28
C THR A 312 -10.02 27.30 32.29
N HIS A 313 -9.69 27.48 33.57
CA HIS A 313 -10.23 26.55 34.56
C HIS A 313 -11.70 26.85 34.81
N ASN A 314 -12.02 28.09 35.19
CA ASN A 314 -13.41 28.49 35.37
C ASN A 314 -14.25 28.12 34.15
N LEU A 315 -13.73 28.38 32.94
CA LEU A 315 -14.47 28.04 31.72
C LEU A 315 -14.67 26.54 31.59
N PHE A 316 -13.64 25.76 31.94
CA PHE A 316 -13.77 24.32 31.83
C PHE A 316 -14.75 23.79 32.87
N THR A 317 -14.71 24.29 34.10
CA THR A 317 -15.75 23.96 35.06
C THR A 317 -17.12 24.31 34.48
N TRP A 318 -17.26 25.54 33.98
CA TRP A 318 -18.55 25.99 33.45
C TRP A 318 -19.06 25.09 32.34
N MET A 319 -18.18 24.68 31.42
CA MET A 319 -18.65 23.83 30.33
C MET A 319 -18.96 22.42 30.81
N GLU A 320 -18.26 21.96 31.85
CA GLU A 320 -18.60 20.68 32.49
C GLU A 320 -19.92 20.77 33.23
N GLU A 321 -20.26 21.94 33.77
CA GLU A 321 -21.54 22.11 34.45
C GLU A 321 -22.70 22.23 33.46
N GLN A 322 -22.44 22.75 32.27
CA GLN A 322 -23.51 22.96 31.29
C GLN A 322 -23.86 21.70 30.52
N TYR A 323 -22.87 20.83 30.27
CA TYR A 323 -23.09 19.65 29.43
C TYR A 323 -22.57 18.36 30.05
N GLY A 324 -21.72 18.40 31.08
CA GLY A 324 -21.23 17.24 31.78
C GLY A 324 -19.93 16.68 31.24
N ILE A 325 -19.66 16.92 29.95
CA ILE A 325 -18.57 16.26 29.24
C ILE A 325 -17.22 16.56 29.89
N ALA A 326 -16.35 15.55 29.90
CA ALA A 326 -15.02 15.65 30.52
C ALA A 326 -14.13 16.55 29.67
N CYS A 327 -14.05 17.83 30.06
CA CYS A 327 -13.19 18.77 29.35
C CYS A 327 -11.72 18.44 29.55
N HIS A 328 -11.25 18.50 30.79
CA HIS A 328 -9.86 18.20 31.11
C HIS A 328 -9.77 16.87 31.84
N MET B 1 8.45 19.67 -12.41
CA MET B 1 8.92 18.31 -12.19
C MET B 1 7.84 17.31 -12.56
N GLU B 2 6.67 17.51 -11.95
CA GLU B 2 5.47 16.69 -12.10
C GLU B 2 5.69 15.28 -11.59
N PRO B 3 5.04 14.93 -10.48
CA PRO B 3 5.08 13.55 -10.01
C PRO B 3 4.78 12.57 -11.12
N ILE B 4 5.68 11.59 -11.27
CA ILE B 4 5.46 10.45 -12.12
C ILE B 4 4.02 10.00 -12.00
N GLU B 5 3.31 10.07 -13.10
CA GLU B 5 1.94 9.56 -13.13
C GLU B 5 2.01 8.05 -13.31
N GLU B 6 1.53 7.32 -12.32
CA GLU B 6 1.03 6.00 -12.67
C GLU B 6 -0.22 6.23 -13.49
N ALA B 7 -0.46 5.38 -14.47
CA ALA B 7 -1.73 5.55 -15.17
C ALA B 7 -2.85 5.11 -14.24
N THR B 8 -4.09 5.18 -14.75
CA THR B 8 -5.29 5.00 -13.95
C THR B 8 -5.08 5.48 -12.52
N LYS B 9 -4.74 6.75 -12.37
CA LYS B 9 -4.50 7.29 -11.05
C LYS B 9 -5.83 7.38 -10.29
N CYS B 10 -6.15 6.32 -9.56
CA CYS B 10 -7.36 6.28 -8.76
C CYS B 10 -7.05 6.75 -7.35
N TYR B 11 -7.69 7.83 -6.91
CA TYR B 11 -7.43 8.27 -5.54
C TYR B 11 -7.70 7.17 -4.54
N ASP B 12 -8.87 6.55 -4.67
CA ASP B 12 -9.29 5.58 -3.68
C ASP B 12 -8.28 4.45 -3.56
N GLN B 13 -7.77 3.93 -4.68
CA GLN B 13 -6.75 2.89 -4.57
C GLN B 13 -5.47 3.43 -3.94
N MET B 14 -5.05 4.63 -4.33
CA MET B 14 -3.86 5.22 -3.72
C MET B 14 -4.05 5.43 -2.23
N LEU B 15 -5.21 5.97 -1.84
CA LEU B 15 -5.51 6.19 -0.42
C LEU B 15 -5.59 4.88 0.33
N ILE B 16 -6.40 3.96 -0.17
CA ILE B 16 -6.58 2.69 0.53
C ILE B 16 -5.24 2.00 0.70
N VAL B 17 -4.37 2.06 -0.32
CA VAL B 17 -3.10 1.37 -0.24
C VAL B 17 -2.20 2.04 0.78
N GLU B 18 -2.16 3.37 0.78
CA GLU B 18 -1.39 4.08 1.80
C GLU B 18 -1.89 3.79 3.20
N ARG B 19 -3.20 3.70 3.37
CA ARG B 19 -3.77 3.35 4.65
C ARG B 19 -3.63 1.87 4.94
N TYR B 20 -3.72 1.04 3.91
CA TYR B 20 -3.47 -0.38 4.09
C TYR B 20 -1.99 -0.68 4.30
N GLU B 21 -1.11 0.15 3.73
CA GLU B 21 0.30 0.01 4.05
C GLU B 21 0.53 0.17 5.55
N ARG B 22 -0.31 0.95 6.23
CA ARG B 22 -0.22 1.02 7.69
C ARG B 22 -0.69 -0.27 8.34
N VAL B 23 -1.71 -0.92 7.79
CA VAL B 23 -2.06 -2.26 8.24
C VAL B 23 -0.87 -3.19 8.09
N ILE B 24 -0.33 -3.27 6.88
CA ILE B 24 0.86 -4.06 6.62
C ILE B 24 1.98 -3.68 7.56
N SER B 25 2.25 -2.38 7.69
CA SER B 25 3.36 -1.97 8.54
C SER B 25 3.11 -2.32 10.00
N TYR B 26 1.85 -2.50 10.39
CA TYR B 26 1.55 -2.99 11.72
C TYR B 26 1.59 -4.50 11.79
N LEU B 27 0.95 -5.15 10.82
CA LEU B 27 0.75 -6.58 10.84
C LEU B 27 1.97 -7.34 10.36
N TYR B 28 2.68 -6.81 9.38
CA TYR B 28 3.86 -7.53 8.89
C TYR B 28 4.85 -7.82 10.00
N PRO B 29 5.29 -6.85 10.82
CA PRO B 29 6.15 -7.21 11.96
C PRO B 29 5.55 -8.30 12.85
N ILE B 30 4.22 -8.33 12.96
CA ILE B 30 3.54 -9.30 13.81
C ILE B 30 2.96 -10.46 13.01
N ALA B 31 3.12 -10.44 11.69
CA ALA B 31 3.08 -11.65 10.88
C ALA B 31 4.46 -12.29 10.86
N GLN B 32 5.47 -11.47 10.62
CA GLN B 32 6.84 -11.91 10.70
C GLN B 32 7.22 -12.30 12.11
N SER B 33 6.41 -11.93 13.10
CA SER B 33 6.62 -12.39 14.47
C SER B 33 5.99 -13.76 14.72
N ILE B 34 4.99 -14.13 13.92
CA ILE B 34 4.37 -15.45 14.00
C ILE B 34 5.47 -16.50 13.96
N PRO B 35 5.52 -17.42 14.93
CA PRO B 35 6.66 -18.35 15.02
C PRO B 35 6.90 -19.13 13.74
N ARG B 36 8.05 -19.80 13.71
CA ARG B 36 8.40 -20.77 12.66
C ARG B 36 7.22 -21.68 12.38
N LYS B 37 6.89 -22.56 13.33
CA LYS B 37 5.58 -23.18 13.31
C LYS B 37 4.53 -22.08 13.26
N HIS B 38 3.53 -22.27 12.40
CA HIS B 38 2.61 -21.22 11.96
C HIS B 38 3.29 -20.40 10.89
N GLY B 39 4.11 -21.05 10.07
CA GLY B 39 4.78 -20.37 8.99
C GLY B 39 3.95 -20.49 7.73
N VAL B 40 3.31 -21.65 7.57
CA VAL B 40 2.38 -21.83 6.46
C VAL B 40 1.28 -20.80 6.55
N ALA B 41 0.74 -20.61 7.74
CA ALA B 41 -0.29 -19.62 8.02
C ALA B 41 0.26 -18.23 8.24
N ARG B 42 1.54 -18.09 8.59
CA ARG B 42 2.14 -16.77 8.45
C ARG B 42 2.22 -16.41 6.97
N GLU B 43 2.85 -17.29 6.17
CA GLU B 43 2.93 -17.07 4.73
C GLU B 43 1.54 -16.91 4.12
N MET B 44 0.56 -17.65 4.63
CA MET B 44 -0.82 -17.44 4.18
C MET B 44 -1.36 -16.11 4.67
N PHE B 45 -1.13 -15.80 5.94
CA PHE B 45 -1.47 -14.47 6.45
C PHE B 45 -0.71 -13.39 5.69
N LEU B 46 0.59 -13.59 5.49
CA LEU B 46 1.38 -12.62 4.75
C LEU B 46 0.90 -12.48 3.32
N LYS B 47 0.54 -13.59 2.67
CA LYS B 47 -0.02 -13.47 1.34
C LYS B 47 -1.38 -12.81 1.36
N CYS B 48 -2.10 -12.89 2.49
CA CYS B 48 -3.35 -12.15 2.61
C CYS B 48 -3.08 -10.68 2.93
N LEU B 49 -2.10 -10.43 3.78
CA LEU B 49 -1.77 -9.08 4.21
C LEU B 49 -1.11 -8.31 3.08
N LEU B 50 0.06 -8.76 2.64
CA LEU B 50 0.78 -8.03 1.59
C LEU B 50 0.09 -8.22 0.24
N GLY B 51 -0.85 -9.17 0.13
CA GLY B 51 -1.43 -9.46 -1.16
C GLY B 51 -2.77 -8.79 -1.31
N GLN B 52 -3.20 -8.18 -0.22
CA GLN B 52 -4.37 -7.31 -0.26
C GLN B 52 -4.05 -5.99 -0.97
N VAL B 53 -2.81 -5.52 -0.85
CA VAL B 53 -2.36 -4.39 -1.65
C VAL B 53 -2.62 -4.62 -3.12
N GLU B 54 -2.28 -5.81 -3.62
CA GLU B 54 -2.55 -6.12 -5.01
C GLU B 54 -4.04 -6.09 -5.28
N LEU B 55 -4.85 -6.58 -4.35
CA LEU B 55 -6.29 -6.55 -4.53
C LEU B 55 -6.81 -5.13 -4.64
N PHE B 56 -6.36 -4.25 -3.76
CA PHE B 56 -6.71 -2.84 -3.88
C PHE B 56 -6.21 -2.27 -5.18
N ILE B 57 -4.94 -2.52 -5.48
CA ILE B 57 -4.32 -1.90 -6.64
C ILE B 57 -5.03 -2.35 -7.92
N VAL B 58 -5.29 -3.65 -8.05
CA VAL B 58 -5.99 -4.08 -9.25
C VAL B 58 -7.40 -3.51 -9.27
N ALA B 59 -8.02 -3.32 -8.10
CA ALA B 59 -9.32 -2.68 -8.04
C ALA B 59 -9.25 -1.24 -8.54
N GLY B 60 -8.20 -0.52 -8.15
CA GLY B 60 -8.08 0.85 -8.61
C GLY B 60 -7.76 0.97 -10.07
N LYS B 61 -6.89 0.11 -10.57
CA LYS B 61 -6.41 0.25 -11.95
C LYS B 61 -7.33 -0.45 -12.93
N SER B 62 -7.53 -1.75 -12.77
CA SER B 62 -8.66 -2.38 -13.40
C SER B 62 -9.87 -1.86 -12.64
N ASN B 63 -10.18 -0.58 -12.81
CA ASN B 63 -11.33 0.02 -12.16
C ASN B 63 -12.54 -0.81 -12.55
N GLN B 64 -12.77 -1.84 -11.75
CA GLN B 64 -13.89 -2.74 -11.89
C GLN B 64 -14.34 -3.02 -10.46
N VAL B 65 -15.63 -2.84 -10.19
CA VAL B 65 -16.11 -3.02 -8.83
C VAL B 65 -15.91 -4.45 -8.35
N SER B 66 -15.85 -5.41 -9.27
CA SER B 66 -15.60 -6.79 -8.89
C SER B 66 -14.31 -6.91 -8.09
N LYS B 67 -13.26 -6.22 -8.52
CA LYS B 67 -11.98 -6.27 -7.83
C LYS B 67 -11.98 -5.46 -6.55
N LEU B 68 -12.96 -4.55 -6.40
CA LEU B 68 -13.19 -3.81 -5.18
C LEU B 68 -13.83 -4.66 -4.12
N TYR B 69 -14.80 -5.47 -4.54
CA TYR B 69 -15.42 -6.46 -3.66
C TYR B 69 -14.44 -7.56 -3.31
N ALA B 70 -13.61 -7.97 -4.28
CA ALA B 70 -12.56 -8.93 -4.01
C ALA B 70 -11.55 -8.36 -3.04
N ALA B 71 -11.35 -7.04 -3.07
CA ALA B 71 -10.53 -6.39 -2.06
C ALA B 71 -11.21 -6.35 -0.70
N ASP B 72 -12.55 -6.28 -0.68
CA ASP B 72 -13.27 -6.35 0.58
C ASP B 72 -13.30 -7.77 1.10
N ALA B 73 -13.38 -8.75 0.20
CA ALA B 73 -13.25 -10.14 0.60
C ALA B 73 -11.88 -10.41 1.19
N GLY B 74 -10.86 -9.68 0.73
CA GLY B 74 -9.54 -9.88 1.29
C GLY B 74 -9.30 -9.09 2.55
N LEU B 75 -9.90 -7.90 2.67
CA LEU B 75 -9.87 -7.19 3.94
C LEU B 75 -10.65 -7.97 4.99
N ALA B 76 -11.75 -8.60 4.57
CA ALA B 76 -12.46 -9.49 5.47
C ALA B 76 -11.61 -10.71 5.81
N MET B 77 -10.88 -11.25 4.84
CA MET B 77 -9.99 -12.36 5.16
C MET B 77 -8.81 -11.89 6.00
N LEU B 78 -8.33 -10.68 5.76
CA LEU B 78 -7.33 -10.12 6.65
C LEU B 78 -7.87 -9.95 8.06
N ARG B 79 -9.13 -9.53 8.18
CA ARG B 79 -9.77 -9.52 9.49
C ARG B 79 -9.84 -10.92 10.07
N PHE B 80 -10.20 -11.91 9.26
CA PHE B 80 -10.12 -13.27 9.75
C PHE B 80 -8.72 -13.58 10.25
N TRP B 81 -7.73 -13.29 9.43
CA TRP B 81 -6.36 -13.57 9.82
C TRP B 81 -6.03 -12.95 11.16
N LEU B 82 -6.57 -11.76 11.44
CA LEU B 82 -6.44 -11.21 12.78
C LEU B 82 -7.10 -12.12 13.83
N ARG B 83 -8.39 -12.42 13.63
CA ARG B 83 -9.09 -13.41 14.44
C ARG B 83 -8.26 -14.68 14.61
N PHE B 84 -7.76 -15.22 13.50
CA PHE B 84 -7.01 -16.46 13.56
C PHE B 84 -5.70 -16.30 14.30
N LEU B 85 -4.90 -15.30 13.90
CA LEU B 85 -3.61 -15.08 14.56
C LEU B 85 -3.79 -14.87 16.05
N ALA B 86 -4.87 -14.22 16.46
CA ALA B 86 -5.14 -14.04 17.88
C ALA B 86 -5.52 -15.34 18.55
N GLY B 87 -6.64 -15.91 18.15
CA GLY B 87 -7.20 -17.02 18.88
C GLY B 87 -6.60 -18.35 18.50
N ILE B 88 -6.59 -18.63 17.20
CA ILE B 88 -6.31 -19.96 16.71
C ILE B 88 -4.81 -20.24 16.57
N GLN B 89 -4.01 -19.22 16.26
CA GLN B 89 -2.58 -19.36 16.43
C GLN B 89 -2.31 -19.71 17.89
N LYS B 90 -1.69 -20.87 18.11
CA LYS B 90 -1.63 -21.42 19.47
C LYS B 90 -0.71 -20.61 20.38
N PRO B 91 0.52 -20.23 19.97
CA PRO B 91 1.27 -19.26 20.78
C PRO B 91 0.46 -18.00 21.05
N HIS B 92 0.43 -17.11 20.07
CA HIS B 92 -0.19 -15.82 20.29
C HIS B 92 -0.36 -15.06 18.99
N ALA B 93 0.69 -15.09 18.17
CA ALA B 93 0.80 -14.26 16.98
C ALA B 93 0.43 -12.83 17.33
N MET B 94 -0.87 -12.55 17.44
CA MET B 94 -1.34 -11.19 17.61
C MET B 94 -1.95 -11.00 18.98
N THR B 95 -1.35 -10.11 19.77
CA THR B 95 -1.89 -9.75 21.07
C THR B 95 -3.26 -9.10 20.89
N PRO B 96 -4.14 -9.21 21.89
CA PRO B 96 -5.47 -8.59 21.77
C PRO B 96 -5.40 -7.12 21.40
N HIS B 97 -4.47 -6.39 22.04
CA HIS B 97 -4.15 -5.04 21.59
C HIS B 97 -3.71 -5.04 20.13
N GLN B 98 -2.80 -5.96 19.78
CA GLN B 98 -2.34 -6.07 18.40
C GLN B 98 -3.51 -6.37 17.46
N VAL B 99 -4.39 -7.29 17.84
CA VAL B 99 -5.62 -7.49 17.08
C VAL B 99 -6.48 -6.23 17.14
N GLU B 100 -6.61 -5.64 18.32
CA GLU B 100 -7.32 -4.38 18.52
C GLU B 100 -6.71 -3.30 17.66
N THR B 101 -5.39 -3.18 17.65
CA THR B 101 -4.72 -2.17 16.83
C THR B 101 -4.87 -2.44 15.34
N ALA B 102 -4.60 -3.68 14.93
CA ALA B 102 -4.68 -4.04 13.52
C ALA B 102 -6.10 -3.87 13.00
N GLN B 103 -7.08 -4.32 13.79
CA GLN B 103 -8.47 -4.17 13.40
C GLN B 103 -8.85 -2.72 13.19
N VAL B 104 -8.26 -1.81 13.98
CA VAL B 104 -8.46 -0.38 13.75
C VAL B 104 -7.89 0.03 12.40
N LEU B 105 -6.67 -0.39 12.10
CA LEU B 105 -6.05 -0.05 10.82
C LEU B 105 -6.79 -0.68 9.66
N ILE B 106 -7.13 -1.96 9.79
CA ILE B 106 -7.93 -2.64 8.77
C ILE B 106 -9.29 -1.99 8.65
N ALA B 107 -9.86 -1.54 9.76
CA ALA B 107 -11.12 -0.82 9.71
C ALA B 107 -10.98 0.50 8.95
N GLU B 108 -9.86 1.20 9.13
CA GLU B 108 -9.62 2.40 8.35
C GLU B 108 -9.59 2.07 6.86
N VAL B 109 -8.84 1.03 6.50
CA VAL B 109 -8.83 0.53 5.13
C VAL B 109 -10.20 0.00 4.74
N GLY B 110 -10.92 -0.60 5.69
CA GLY B 110 -12.29 -1.01 5.42
C GLY B 110 -13.19 0.17 5.11
N ARG B 111 -13.08 1.24 5.88
CA ARG B 111 -13.83 2.46 5.59
C ARG B 111 -13.55 2.97 4.19
N ILE B 112 -12.27 3.08 3.84
CA ILE B 112 -11.87 3.59 2.54
C ILE B 112 -12.36 2.67 1.43
N LEU B 113 -12.24 1.36 1.65
CA LEU B 113 -12.78 0.40 0.70
C LEU B 113 -14.28 0.56 0.56
N GLY B 114 -14.98 0.69 1.69
CA GLY B 114 -16.42 0.90 1.64
C GLY B 114 -16.78 2.16 0.89
N SER B 115 -16.15 3.29 1.22
CA SER B 115 -16.39 4.53 0.49
C SER B 115 -16.09 4.36 -1.00
N TRP B 116 -15.01 3.67 -1.31
CA TRP B 116 -14.61 3.43 -2.69
C TRP B 116 -15.62 2.54 -3.41
N ILE B 117 -16.06 1.46 -2.76
CA ILE B 117 -17.12 0.63 -3.32
C ILE B 117 -18.37 1.46 -3.54
N ALA B 118 -18.71 2.31 -2.58
CA ALA B 118 -19.90 3.16 -2.69
C ALA B 118 -19.76 4.17 -3.84
N ARG B 119 -18.63 4.87 -3.90
CA ARG B 119 -18.48 5.87 -4.96
C ARG B 119 -18.52 5.23 -6.34
N VAL B 120 -18.01 4.02 -6.47
CA VAL B 120 -18.13 3.30 -7.73
C VAL B 120 -19.56 2.81 -7.95
N ASN B 121 -20.22 2.37 -6.88
CA ASN B 121 -21.56 1.82 -7.05
C ASN B 121 -22.55 2.86 -7.55
N ARG B 122 -22.36 4.12 -7.18
CA ARG B 122 -23.15 5.17 -7.81
C ARG B 122 -22.73 5.41 -9.24
N TYR C 11 6.85 -3.04 -31.20
CA TYR C 11 6.80 -1.92 -30.26
C TYR C 11 5.84 -2.20 -29.12
N ASP C 12 5.50 -1.16 -28.36
CA ASP C 12 4.54 -1.21 -27.27
C ASP C 12 4.85 -2.32 -26.27
N GLN C 13 4.32 -3.52 -26.48
CA GLN C 13 4.61 -4.62 -25.55
C GLN C 13 6.10 -4.96 -25.54
N MET C 14 6.72 -5.04 -26.72
CA MET C 14 8.15 -5.33 -26.79
C MET C 14 8.97 -4.25 -26.09
N LEU C 15 8.64 -2.98 -26.34
CA LEU C 15 9.34 -1.88 -25.71
C LEU C 15 9.12 -1.89 -24.20
N ILE C 16 7.87 -1.98 -23.77
CA ILE C 16 7.55 -1.97 -22.34
C ILE C 16 8.32 -3.08 -21.63
N VAL C 17 8.38 -4.27 -22.23
CA VAL C 17 9.01 -5.39 -21.58
C VAL C 17 10.52 -5.20 -21.52
N GLU C 18 11.12 -4.67 -22.59
CA GLU C 18 12.55 -4.42 -22.58
C GLU C 18 12.91 -3.36 -21.53
N ARG C 19 12.04 -2.39 -21.33
CA ARG C 19 12.25 -1.39 -20.28
C ARG C 19 11.91 -1.96 -18.91
N TYR C 20 10.91 -2.83 -18.85
CA TYR C 20 10.59 -3.52 -17.61
C TYR C 20 11.63 -4.58 -17.28
N GLU C 21 12.25 -5.20 -18.30
CA GLU C 21 13.39 -6.07 -18.04
C GLU C 21 14.45 -5.37 -17.20
N ARG C 22 14.61 -4.06 -17.40
CA ARG C 22 15.56 -3.30 -16.58
C ARG C 22 15.09 -3.21 -15.14
N VAL C 23 13.79 -3.04 -14.92
CA VAL C 23 13.23 -3.15 -13.57
C VAL C 23 13.57 -4.51 -12.97
N ILE C 24 13.22 -5.58 -13.68
CA ILE C 24 13.53 -6.91 -13.20
C ILE C 24 15.03 -7.07 -12.99
N SER C 25 15.83 -6.63 -13.96
CA SER C 25 17.28 -6.77 -13.83
C SER C 25 17.80 -6.02 -12.62
N TYR C 26 17.11 -4.96 -12.23
CA TYR C 26 17.50 -4.23 -11.03
C TYR C 26 16.88 -4.84 -9.78
N LEU C 27 15.60 -5.16 -9.86
CA LEU C 27 14.85 -5.58 -8.69
C LEU C 27 15.01 -7.06 -8.39
N TYR C 28 15.16 -7.91 -9.40
CA TYR C 28 15.36 -9.32 -9.09
C TYR C 28 16.53 -9.52 -8.14
N PRO C 29 17.72 -8.96 -8.39
CA PRO C 29 18.78 -9.05 -7.37
C PRO C 29 18.34 -8.58 -5.99
N ILE C 30 17.58 -7.48 -5.91
CA ILE C 30 17.08 -6.99 -4.63
C ILE C 30 16.10 -7.99 -4.02
N ALA C 31 15.20 -8.50 -4.86
CA ALA C 31 14.14 -9.42 -4.49
C ALA C 31 14.68 -10.81 -4.26
N GLN C 32 15.74 -11.14 -4.96
CA GLN C 32 16.49 -12.34 -4.66
C GLN C 32 17.32 -12.15 -3.39
N SER C 33 17.60 -10.90 -3.02
CA SER C 33 18.32 -10.59 -1.79
C SER C 33 17.41 -10.52 -0.57
N ILE C 34 16.12 -10.27 -0.76
CA ILE C 34 15.19 -10.19 0.37
C ILE C 34 15.29 -11.46 1.19
N PRO C 35 15.53 -11.37 2.50
CA PRO C 35 15.82 -12.58 3.28
C PRO C 35 14.63 -13.53 3.30
N ARG C 36 14.93 -14.80 3.62
CA ARG C 36 13.90 -15.81 3.76
C ARG C 36 12.84 -15.39 4.78
N LYS C 37 13.23 -14.63 5.80
CA LYS C 37 12.25 -14.09 6.73
C LYS C 37 11.20 -13.27 5.99
N HIS C 38 11.63 -12.33 5.18
CA HIS C 38 10.72 -11.62 4.29
C HIS C 38 10.50 -12.37 3.01
N GLY C 39 10.42 -13.69 3.08
CA GLY C 39 10.36 -14.52 1.91
C GLY C 39 8.97 -14.77 1.39
N VAL C 40 7.93 -14.32 2.10
CA VAL C 40 6.62 -14.12 1.47
C VAL C 40 6.64 -12.81 0.71
N ALA C 41 7.09 -11.75 1.38
CA ALA C 41 7.42 -10.50 0.71
C ALA C 41 8.23 -10.84 -0.53
N ARG C 42 9.44 -11.36 -0.33
CA ARG C 42 10.32 -11.75 -1.43
C ARG C 42 9.58 -12.57 -2.48
N GLU C 43 8.99 -13.70 -2.06
CA GLU C 43 8.31 -14.54 -3.05
C GLU C 43 7.17 -13.79 -3.72
N MET C 44 6.41 -13.00 -2.96
CA MET C 44 5.35 -12.21 -3.58
C MET C 44 5.89 -11.01 -4.33
N PHE C 45 6.98 -10.42 -3.85
CA PHE C 45 7.63 -9.38 -4.63
C PHE C 45 8.18 -9.93 -5.93
N LEU C 46 8.89 -11.07 -5.85
CA LEU C 46 9.38 -11.72 -7.06
C LEU C 46 8.23 -12.08 -7.99
N LYS C 47 7.13 -12.59 -7.44
CA LYS C 47 5.99 -12.88 -8.28
C LYS C 47 5.33 -11.62 -8.80
N CYS C 48 5.50 -10.49 -8.12
CA CYS C 48 5.02 -9.22 -8.65
C CYS C 48 5.99 -8.68 -9.70
N LEU C 49 7.29 -8.85 -9.45
CA LEU C 49 8.31 -8.32 -10.33
C LEU C 49 8.38 -9.13 -11.61
N LEU C 50 8.79 -10.39 -11.48
CA LEU C 50 8.82 -11.30 -12.62
C LEU C 50 7.45 -11.59 -13.18
N GLY C 51 6.37 -11.27 -12.48
CA GLY C 51 5.06 -11.66 -12.97
C GLY C 51 4.32 -10.47 -13.53
N GLN C 52 4.99 -9.32 -13.48
CA GLN C 52 4.51 -8.16 -14.22
C GLN C 52 4.80 -8.30 -15.71
N VAL C 53 5.84 -9.05 -16.07
CA VAL C 53 6.07 -9.39 -17.47
C VAL C 53 4.85 -10.09 -18.03
N GLU C 54 4.26 -11.01 -17.26
CA GLU C 54 3.05 -11.66 -17.72
C GLU C 54 1.92 -10.66 -17.86
N LEU C 55 1.86 -9.66 -16.97
CA LEU C 55 0.85 -8.61 -17.11
C LEU C 55 1.05 -7.79 -18.38
N PHE C 56 2.30 -7.44 -18.69
CA PHE C 56 2.58 -6.77 -19.94
C PHE C 56 2.29 -7.67 -21.13
N ILE C 57 2.74 -8.92 -21.04
CA ILE C 57 2.54 -9.90 -22.10
C ILE C 57 1.05 -10.04 -22.42
N VAL C 58 0.22 -10.25 -21.38
CA VAL C 58 -1.22 -10.35 -21.59
C VAL C 58 -1.76 -9.07 -22.21
N ALA C 59 -1.23 -7.92 -21.76
CA ALA C 59 -1.65 -6.64 -22.32
C ALA C 59 -1.26 -6.54 -23.80
N GLY C 60 -0.07 -7.01 -24.16
CA GLY C 60 0.29 -7.06 -25.56
C GLY C 60 -0.59 -8.01 -26.34
N LYS C 61 -0.92 -9.16 -25.74
CA LYS C 61 -1.75 -10.15 -26.41
C LYS C 61 -3.14 -9.60 -26.72
N SER C 62 -3.63 -8.68 -25.90
CA SER C 62 -5.01 -8.24 -26.01
C SER C 62 -5.16 -6.84 -26.56
N ASN C 63 -4.33 -5.89 -26.15
CA ASN C 63 -4.64 -4.48 -26.37
C ASN C 63 -6.06 -4.16 -25.90
N GLN C 64 -6.51 -4.94 -24.92
CA GLN C 64 -7.61 -4.55 -24.06
C GLN C 64 -7.03 -3.57 -23.06
N VAL C 65 -7.55 -2.35 -23.03
CA VAL C 65 -6.92 -1.38 -22.14
C VAL C 65 -7.05 -1.84 -20.69
N SER C 66 -8.06 -2.64 -20.38
CA SER C 66 -8.13 -3.24 -19.05
C SER C 66 -6.92 -4.13 -18.77
N LYS C 67 -6.37 -4.78 -19.79
CA LYS C 67 -5.16 -5.55 -19.59
C LYS C 67 -3.93 -4.67 -19.43
N LEU C 68 -3.88 -3.52 -20.09
CA LEU C 68 -2.77 -2.61 -19.81
C LEU C 68 -3.00 -1.79 -18.55
N TYR C 69 -4.24 -1.71 -18.06
CA TYR C 69 -4.48 -1.15 -16.73
C TYR C 69 -4.09 -2.12 -15.63
N ALA C 70 -4.32 -3.42 -15.84
CA ALA C 70 -3.85 -4.41 -14.90
C ALA C 70 -2.35 -4.63 -15.02
N ALA C 71 -1.74 -4.16 -16.11
CA ALA C 71 -0.29 -4.01 -16.13
C ALA C 71 0.15 -2.80 -15.32
N ASP C 72 -0.67 -1.75 -15.28
CA ASP C 72 -0.40 -0.62 -14.41
C ASP C 72 -0.64 -0.97 -12.96
N ALA C 73 -1.71 -1.73 -12.69
CA ALA C 73 -1.92 -2.26 -11.34
C ALA C 73 -0.74 -3.08 -10.89
N GLY C 74 -0.19 -3.91 -11.77
CA GLY C 74 0.99 -4.66 -11.39
C GLY C 74 2.17 -3.74 -11.13
N LEU C 75 2.37 -2.74 -11.97
CA LEU C 75 3.42 -1.75 -11.73
C LEU C 75 3.16 -1.00 -10.43
N ALA C 76 1.90 -0.70 -10.15
CA ALA C 76 1.58 -0.07 -8.88
C ALA C 76 1.85 -1.02 -7.72
N MET C 77 1.49 -2.29 -7.88
CA MET C 77 1.82 -3.28 -6.88
C MET C 77 3.34 -3.42 -6.74
N LEU C 78 4.05 -3.39 -7.86
CA LEU C 78 5.50 -3.41 -7.80
C LEU C 78 6.04 -2.20 -7.04
N ARG C 79 5.47 -1.02 -7.28
CA ARG C 79 5.86 0.15 -6.50
C ARG C 79 5.47 -0.02 -5.04
N PHE C 80 4.33 -0.63 -4.77
CA PHE C 80 4.03 -0.97 -3.38
C PHE C 80 5.12 -1.84 -2.79
N TRP C 81 5.51 -2.89 -3.52
CA TRP C 81 6.55 -3.77 -3.02
C TRP C 81 7.83 -3.02 -2.71
N LEU C 82 8.20 -2.07 -3.56
CA LEU C 82 9.37 -1.25 -3.27
C LEU C 82 9.19 -0.53 -1.94
N ARG C 83 8.10 0.24 -1.82
CA ARG C 83 7.71 0.88 -0.56
C ARG C 83 7.79 -0.10 0.61
N PHE C 84 7.14 -1.25 0.44
CA PHE C 84 7.06 -2.21 1.52
C PHE C 84 8.43 -2.74 1.88
N LEU C 85 9.19 -3.18 0.88
CA LEU C 85 10.50 -3.76 1.15
C LEU C 85 11.47 -2.74 1.71
N ALA C 86 11.29 -1.46 1.37
CA ALA C 86 12.01 -0.44 2.13
C ALA C 86 11.53 -0.40 3.56
N GLY C 87 10.21 -0.48 3.75
CA GLY C 87 9.65 -0.33 5.07
C GLY C 87 9.89 -1.49 6.00
N ILE C 88 10.03 -2.71 5.46
CA ILE C 88 10.32 -3.81 6.35
C ILE C 88 11.63 -3.52 7.07
N GLN C 89 11.58 -3.58 8.39
CA GLN C 89 12.71 -3.22 9.22
C GLN C 89 13.31 -4.42 9.95
N LYS C 90 12.58 -5.51 10.10
CA LYS C 90 13.26 -6.78 10.28
C LYS C 90 14.21 -6.94 9.09
N PRO C 91 15.45 -7.41 9.30
CA PRO C 91 16.47 -7.20 8.29
C PRO C 91 16.28 -5.89 7.55
N HIS C 92 15.66 -5.96 6.37
CA HIS C 92 15.39 -4.89 5.43
C HIS C 92 15.42 -5.60 4.09
N ALA C 93 14.85 -5.02 3.11
CA ALA C 93 14.95 -5.71 1.82
C ALA C 93 15.48 -4.80 0.74
N MET C 94 15.04 -3.56 0.72
CA MET C 94 15.33 -2.65 -0.37
C MET C 94 15.74 -1.34 0.26
N THR C 95 17.05 -1.10 0.32
CA THR C 95 17.59 0.16 0.82
C THR C 95 16.82 1.28 0.17
N PRO C 96 16.68 2.44 0.84
CA PRO C 96 15.92 3.53 0.24
C PRO C 96 16.40 3.89 -1.16
N HIS C 97 17.72 3.82 -1.37
CA HIS C 97 18.29 4.03 -2.68
C HIS C 97 17.72 3.04 -3.69
N GLN C 98 17.65 1.76 -3.31
CA GLN C 98 17.14 0.76 -4.23
C GLN C 98 15.70 1.03 -4.64
N VAL C 99 14.88 1.50 -3.70
CA VAL C 99 13.53 1.96 -4.05
C VAL C 99 13.58 3.11 -5.02
N GLU C 100 14.47 4.08 -4.78
CA GLU C 100 14.64 5.22 -5.65
C GLU C 100 15.03 4.79 -7.06
N THR C 101 16.07 3.99 -7.17
CA THR C 101 16.51 3.48 -8.46
C THR C 101 15.44 2.65 -9.15
N ALA C 102 14.83 1.73 -8.41
CA ALA C 102 13.77 0.90 -8.97
C ALA C 102 12.59 1.76 -9.42
N GLN C 103 12.19 2.71 -8.58
CA GLN C 103 11.09 3.59 -8.95
C GLN C 103 11.39 4.36 -10.23
N VAL C 104 12.64 4.72 -10.46
CA VAL C 104 13.02 5.34 -11.73
C VAL C 104 12.79 4.38 -12.88
N LEU C 105 13.26 3.14 -12.73
CA LEU C 105 13.04 2.12 -13.76
C LEU C 105 11.56 1.82 -13.92
N ILE C 106 10.85 1.64 -12.81
CA ILE C 106 9.42 1.39 -12.90
C ILE C 106 8.71 2.59 -13.48
N ALA C 107 9.20 3.79 -13.20
CA ALA C 107 8.64 4.99 -13.81
C ALA C 107 8.85 4.97 -15.32
N GLU C 108 10.00 4.49 -15.77
CA GLU C 108 10.21 4.39 -17.21
C GLU C 108 9.25 3.36 -17.81
N VAL C 109 9.06 2.23 -17.13
CA VAL C 109 8.02 1.28 -17.49
C VAL C 109 6.64 1.92 -17.37
N GLY C 110 6.46 2.75 -16.34
CA GLY C 110 5.21 3.46 -16.21
C GLY C 110 4.95 4.41 -17.35
N ARG C 111 5.98 5.15 -17.77
CA ARG C 111 5.85 6.02 -18.93
C ARG C 111 5.39 5.24 -20.16
N ILE C 112 6.05 4.11 -20.43
CA ILE C 112 5.73 3.33 -21.61
C ILE C 112 4.34 2.71 -21.48
N LEU C 113 3.98 2.27 -20.28
CA LEU C 113 2.62 1.80 -20.05
C LEU C 113 1.62 2.91 -20.27
N GLY C 114 1.91 4.11 -19.75
CA GLY C 114 1.03 5.24 -19.98
C GLY C 114 0.88 5.57 -21.46
N SER C 115 1.99 5.64 -22.19
CA SER C 115 1.91 5.88 -23.62
C SER C 115 1.12 4.78 -24.32
N TRP C 116 1.31 3.54 -23.89
CA TRP C 116 0.59 2.41 -24.45
C TRP C 116 -0.90 2.48 -24.12
N ILE C 117 -1.22 2.81 -22.87
CA ILE C 117 -2.61 3.05 -22.50
C ILE C 117 -3.21 4.15 -23.37
N ALA C 118 -2.45 5.23 -23.59
CA ALA C 118 -2.93 6.34 -24.41
C ALA C 118 -3.06 5.92 -25.88
N ARG C 119 -2.07 5.21 -26.40
CA ARG C 119 -2.13 4.73 -27.79
C ARG C 119 -3.37 3.90 -28.02
N VAL C 120 -3.77 3.11 -27.04
CA VAL C 120 -4.99 2.31 -27.15
C VAL C 120 -6.23 3.19 -27.01
N ASN C 121 -6.16 4.19 -26.13
CA ASN C 121 -7.28 5.10 -25.94
C ASN C 121 -7.60 5.88 -27.20
N GLN D 13 -4.20 -29.51 -25.10
CA GLN D 13 -4.51 -30.34 -26.27
C GLN D 13 -3.84 -31.69 -26.12
N MET D 14 -3.04 -32.08 -27.10
CA MET D 14 -2.13 -33.22 -26.93
C MET D 14 -0.80 -32.90 -27.60
N LEU D 15 -0.84 -32.37 -28.83
CA LEU D 15 0.41 -32.12 -29.53
C LEU D 15 1.13 -30.89 -28.99
N ILE D 16 0.39 -29.83 -28.64
CA ILE D 16 1.05 -28.68 -28.03
C ILE D 16 1.80 -29.10 -26.77
N VAL D 17 1.18 -29.96 -25.94
CA VAL D 17 1.81 -30.38 -24.70
C VAL D 17 3.04 -31.21 -24.99
N GLU D 18 2.95 -32.12 -25.96
CA GLU D 18 4.09 -32.94 -26.32
C GLU D 18 5.23 -32.09 -26.89
N ARG D 19 4.91 -31.01 -27.59
CA ARG D 19 5.94 -30.10 -28.04
C ARG D 19 6.42 -29.18 -26.93
N TYR D 20 5.53 -28.82 -26.01
CA TYR D 20 5.94 -28.13 -24.81
C TYR D 20 6.68 -29.07 -23.86
N GLU D 21 6.31 -30.35 -23.82
CA GLU D 21 7.12 -31.34 -23.12
C GLU D 21 8.58 -31.22 -23.53
N ARG D 22 8.83 -30.96 -24.81
CA ARG D 22 10.19 -30.77 -25.28
C ARG D 22 10.79 -29.48 -24.75
N VAL D 23 9.99 -28.41 -24.65
CA VAL D 23 10.43 -27.22 -23.95
C VAL D 23 10.82 -27.56 -22.53
N ILE D 24 9.90 -28.15 -21.79
CA ILE D 24 10.16 -28.56 -20.42
C ILE D 24 11.41 -29.44 -20.36
N SER D 25 11.47 -30.46 -21.22
CA SER D 25 12.61 -31.37 -21.17
C SER D 25 13.92 -30.66 -21.49
N TYR D 26 13.87 -29.54 -22.19
CA TYR D 26 15.07 -28.76 -22.40
C TYR D 26 15.31 -27.78 -21.26
N LEU D 27 14.24 -27.09 -20.85
CA LEU D 27 14.33 -26.00 -19.89
C LEU D 27 14.42 -26.50 -18.46
N TYR D 28 13.70 -27.58 -18.14
CA TYR D 28 13.74 -28.07 -16.77
C TYR D 28 15.17 -28.36 -16.32
N PRO D 29 16.00 -29.08 -17.09
CA PRO D 29 17.43 -29.18 -16.72
C PRO D 29 18.12 -27.84 -16.50
N ILE D 30 17.79 -26.85 -17.32
CA ILE D 30 18.37 -25.51 -17.16
C ILE D 30 17.89 -24.88 -15.87
N ALA D 31 16.58 -24.97 -15.62
CA ALA D 31 15.99 -24.46 -14.39
C ALA D 31 16.57 -25.13 -13.16
N GLN D 32 17.09 -26.33 -13.34
CA GLN D 32 17.65 -27.09 -12.25
C GLN D 32 19.14 -26.89 -12.10
N SER D 33 19.78 -26.36 -13.14
CA SER D 33 21.13 -25.83 -12.98
C SER D 33 21.12 -24.51 -12.26
N ILE D 34 20.06 -23.73 -12.42
CA ILE D 34 19.89 -22.42 -11.78
C ILE D 34 20.32 -22.54 -10.32
N PRO D 35 21.27 -21.74 -9.87
CA PRO D 35 21.77 -21.88 -8.50
C PRO D 35 20.66 -21.72 -7.48
N ARG D 36 20.85 -22.36 -6.31
CA ARG D 36 20.01 -22.12 -5.14
C ARG D 36 19.66 -20.65 -4.99
N LYS D 37 20.67 -19.78 -5.14
CA LYS D 37 20.52 -18.34 -5.03
C LYS D 37 19.26 -17.90 -5.74
N HIS D 38 19.17 -18.31 -7.00
CA HIS D 38 18.04 -18.04 -7.85
C HIS D 38 17.05 -19.19 -7.83
N GLY D 39 16.86 -19.77 -6.65
CA GLY D 39 15.92 -20.85 -6.53
C GLY D 39 14.51 -20.40 -6.34
N VAL D 40 14.31 -19.12 -6.09
CA VAL D 40 12.97 -18.58 -6.07
C VAL D 40 12.53 -18.19 -7.47
N ALA D 41 13.44 -17.62 -8.28
CA ALA D 41 13.17 -17.50 -9.71
C ALA D 41 13.20 -18.85 -10.42
N ARG D 42 13.99 -19.81 -9.95
CA ARG D 42 13.83 -21.16 -10.48
C ARG D 42 12.45 -21.70 -10.13
N GLU D 43 12.08 -21.64 -8.84
CA GLU D 43 10.71 -21.97 -8.45
C GLU D 43 9.71 -21.23 -9.32
N MET D 44 9.95 -19.94 -9.55
CA MET D 44 9.05 -19.15 -10.36
C MET D 44 9.18 -19.49 -11.84
N PHE D 45 10.40 -19.73 -12.31
CA PHE D 45 10.56 -20.20 -13.68
C PHE D 45 9.92 -21.58 -13.86
N LEU D 46 10.14 -22.48 -12.92
CA LEU D 46 9.59 -23.83 -13.06
C LEU D 46 8.09 -23.87 -12.85
N LYS D 47 7.50 -22.85 -12.25
CA LYS D 47 6.06 -22.79 -12.18
C LYS D 47 5.45 -22.16 -13.42
N CYS D 48 6.28 -21.53 -14.25
CA CYS D 48 5.89 -21.10 -15.58
C CYS D 48 6.31 -22.10 -16.64
N LEU D 49 7.36 -22.89 -16.38
CA LEU D 49 7.72 -23.96 -17.28
C LEU D 49 6.74 -25.10 -17.09
N LEU D 50 6.86 -25.81 -15.98
CA LEU D 50 5.94 -26.88 -15.67
C LEU D 50 4.51 -26.42 -15.51
N GLY D 51 4.31 -25.17 -15.12
CA GLY D 51 2.95 -24.67 -14.97
C GLY D 51 2.34 -24.18 -16.25
N GLN D 52 3.13 -24.07 -17.31
CA GLN D 52 2.57 -23.79 -18.61
C GLN D 52 1.92 -25.01 -19.23
N VAL D 53 2.34 -26.21 -18.84
CA VAL D 53 1.61 -27.42 -19.24
C VAL D 53 0.16 -27.31 -18.82
N GLU D 54 -0.09 -26.86 -17.59
CA GLU D 54 -1.45 -26.69 -17.15
C GLU D 54 -2.18 -25.66 -18.01
N LEU D 55 -1.48 -24.59 -18.40
CA LEU D 55 -2.09 -23.59 -19.28
C LEU D 55 -2.49 -24.18 -20.62
N PHE D 56 -1.61 -24.98 -21.22
CA PHE D 56 -1.94 -25.67 -22.45
C PHE D 56 -3.07 -26.66 -22.24
N ILE D 57 -2.97 -27.47 -21.20
CA ILE D 57 -3.96 -28.50 -20.93
C ILE D 57 -5.34 -27.87 -20.73
N VAL D 58 -5.40 -26.83 -19.89
CA VAL D 58 -6.70 -26.24 -19.58
C VAL D 58 -7.33 -25.61 -20.81
N ALA D 59 -6.51 -25.08 -21.72
CA ALA D 59 -7.02 -24.62 -22.99
C ALA D 59 -7.51 -25.80 -23.84
N GLY D 60 -6.82 -26.94 -23.73
CA GLY D 60 -7.30 -28.13 -24.43
C GLY D 60 -8.65 -28.58 -23.93
N LYS D 61 -8.84 -28.57 -22.60
CA LYS D 61 -10.10 -28.99 -22.02
C LYS D 61 -11.17 -27.92 -22.24
N SER D 62 -11.07 -26.81 -21.51
CA SER D 62 -11.91 -25.64 -21.75
C SER D 62 -11.33 -24.92 -22.95
N ASN D 63 -11.84 -25.24 -24.14
CA ASN D 63 -11.19 -24.80 -25.38
C ASN D 63 -11.28 -23.30 -25.62
N GLN D 64 -11.74 -22.52 -24.66
CA GLN D 64 -11.84 -21.08 -24.84
C GLN D 64 -10.50 -20.47 -25.21
N VAL D 65 -10.51 -19.49 -26.11
CA VAL D 65 -9.27 -18.77 -26.42
C VAL D 65 -8.83 -17.92 -25.25
N SER D 66 -9.77 -17.49 -24.41
CA SER D 66 -9.38 -16.89 -23.15
C SER D 66 -8.40 -17.78 -22.42
N LYS D 67 -8.67 -19.09 -22.42
CA LYS D 67 -7.72 -20.06 -21.88
C LYS D 67 -6.53 -20.27 -22.79
N LEU D 68 -6.71 -20.08 -24.09
CA LEU D 68 -5.66 -20.30 -25.06
C LEU D 68 -4.66 -19.16 -25.12
N TYR D 69 -5.10 -17.92 -24.88
CA TYR D 69 -4.19 -16.79 -24.81
C TYR D 69 -3.38 -16.77 -23.52
N ALA D 70 -3.98 -17.25 -22.43
CA ALA D 70 -3.25 -17.39 -21.18
C ALA D 70 -2.12 -18.39 -21.33
N ALA D 71 -2.29 -19.36 -22.23
CA ALA D 71 -1.22 -20.29 -22.57
C ALA D 71 -0.18 -19.65 -23.48
N ASP D 72 -0.60 -18.68 -24.30
CA ASP D 72 0.33 -17.91 -25.11
C ASP D 72 1.04 -16.88 -24.28
N ALA D 73 0.32 -16.21 -23.40
CA ALA D 73 0.95 -15.43 -22.36
C ALA D 73 1.85 -16.30 -21.51
N GLY D 74 1.41 -17.52 -21.19
CA GLY D 74 2.29 -18.46 -20.52
C GLY D 74 3.52 -18.77 -21.34
N LEU D 75 3.33 -19.08 -22.63
CA LEU D 75 4.46 -19.27 -23.54
C LEU D 75 5.29 -18.01 -23.65
N ALA D 76 4.64 -16.86 -23.74
CA ALA D 76 5.37 -15.60 -23.83
C ALA D 76 6.08 -15.30 -22.52
N MET D 77 5.49 -15.65 -21.38
CA MET D 77 6.25 -15.41 -20.13
C MET D 77 7.34 -16.47 -20.05
N LEU D 78 7.10 -17.67 -20.54
CA LEU D 78 8.20 -18.62 -20.58
C LEU D 78 9.34 -18.07 -21.43
N ARG D 79 9.02 -17.42 -22.55
CA ARG D 79 10.06 -16.75 -23.32
C ARG D 79 10.70 -15.62 -22.52
N PHE D 80 9.90 -14.89 -21.75
CA PHE D 80 10.50 -13.93 -20.83
C PHE D 80 11.45 -14.64 -19.87
N TRP D 81 10.99 -15.73 -19.28
CA TRP D 81 11.83 -16.49 -18.36
C TRP D 81 13.14 -16.89 -19.01
N LEU D 82 13.12 -17.23 -20.28
CA LEU D 82 14.37 -17.49 -20.98
C LEU D 82 15.25 -16.25 -20.98
N ARG D 83 14.72 -15.12 -21.45
CA ARG D 83 15.42 -13.84 -21.36
C ARG D 83 15.91 -13.57 -19.94
N PHE D 84 15.03 -13.77 -18.96
CA PHE D 84 15.40 -13.48 -17.58
C PHE D 84 16.51 -14.39 -17.11
N LEU D 85 16.33 -15.71 -17.27
CA LEU D 85 17.35 -16.65 -16.81
C LEU D 85 18.65 -16.46 -17.57
N ALA D 86 18.58 -15.93 -18.80
CA ALA D 86 19.79 -15.61 -19.57
C ALA D 86 20.09 -14.13 -19.42
N GLY D 87 20.65 -13.77 -18.28
CA GLY D 87 21.13 -12.42 -18.14
C GLY D 87 20.69 -11.69 -16.91
N ILE D 88 19.38 -11.65 -16.70
CA ILE D 88 18.82 -10.89 -15.58
C ILE D 88 19.10 -11.61 -14.26
N GLN D 89 18.91 -12.92 -14.25
CA GLN D 89 19.57 -13.79 -13.30
C GLN D 89 21.07 -13.57 -13.37
N LYS D 90 21.71 -13.15 -12.27
CA LYS D 90 23.05 -12.57 -12.43
C LYS D 90 24.09 -13.59 -12.88
N PRO D 91 24.32 -14.73 -12.19
CA PRO D 91 24.97 -15.83 -12.90
C PRO D 91 24.07 -16.18 -14.06
N HIS D 92 24.21 -15.47 -15.19
CA HIS D 92 23.25 -15.60 -16.29
C HIS D 92 23.01 -17.09 -16.49
N ALA D 93 21.90 -17.58 -15.94
CA ALA D 93 21.68 -19.01 -15.79
C ALA D 93 21.65 -19.67 -17.15
N MET D 94 20.58 -19.41 -17.90
CA MET D 94 20.45 -19.94 -19.24
C MET D 94 21.52 -19.33 -20.14
N THR D 95 22.26 -20.17 -20.85
CA THR D 95 23.20 -19.63 -21.82
C THR D 95 22.44 -19.10 -23.03
N PRO D 96 23.00 -18.10 -23.73
CA PRO D 96 22.30 -17.53 -24.90
C PRO D 96 21.89 -18.59 -25.90
N HIS D 97 22.75 -19.57 -26.13
CA HIS D 97 22.40 -20.69 -26.99
C HIS D 97 21.14 -21.37 -26.50
N GLN D 98 21.08 -21.68 -25.19
CA GLN D 98 19.92 -22.38 -24.64
C GLN D 98 18.63 -21.59 -24.84
N VAL D 99 18.70 -20.27 -24.71
CA VAL D 99 17.54 -19.43 -25.03
C VAL D 99 17.15 -19.59 -26.49
N GLU D 100 18.14 -19.60 -27.37
CA GLU D 100 17.85 -19.79 -28.79
C GLU D 100 17.16 -21.13 -29.03
N THR D 101 17.73 -22.23 -28.52
CA THR D 101 17.11 -23.54 -28.76
C THR D 101 15.76 -23.63 -28.06
N ALA D 102 15.66 -23.12 -26.82
CA ALA D 102 14.38 -23.16 -26.14
C ALA D 102 13.34 -22.31 -26.86
N GLN D 103 13.73 -21.12 -27.33
CA GLN D 103 12.80 -20.33 -28.13
C GLN D 103 12.41 -21.07 -29.41
N VAL D 104 13.29 -21.93 -29.93
CA VAL D 104 12.90 -22.84 -31.01
C VAL D 104 11.79 -23.78 -30.54
N LEU D 105 12.01 -24.44 -29.40
CA LEU D 105 10.99 -25.33 -28.85
C LEU D 105 9.74 -24.56 -28.45
N ILE D 106 9.93 -23.42 -27.77
CA ILE D 106 8.81 -22.59 -27.35
C ILE D 106 8.04 -22.07 -28.56
N ALA D 107 8.76 -21.70 -29.62
CA ALA D 107 8.07 -21.22 -30.80
C ALA D 107 7.50 -22.35 -31.63
N GLU D 108 7.96 -23.58 -31.44
CA GLU D 108 7.21 -24.69 -31.99
C GLU D 108 5.88 -24.83 -31.28
N VAL D 109 5.91 -24.87 -29.94
CA VAL D 109 4.68 -24.91 -29.17
C VAL D 109 3.91 -23.59 -29.28
N GLY D 110 4.58 -22.52 -29.70
CA GLY D 110 3.94 -21.25 -30.02
C GLY D 110 3.36 -21.23 -31.42
N ARG D 111 4.07 -21.84 -32.37
CA ARG D 111 3.47 -22.07 -33.67
C ARG D 111 2.23 -22.93 -33.54
N ILE D 112 2.26 -23.93 -32.65
CA ILE D 112 1.09 -24.76 -32.41
C ILE D 112 0.03 -23.96 -31.67
N LEU D 113 0.44 -23.17 -30.68
CA LEU D 113 -0.50 -22.33 -29.98
C LEU D 113 -1.13 -21.32 -30.91
N GLY D 114 -0.31 -20.67 -31.75
CA GLY D 114 -0.85 -19.74 -32.72
C GLY D 114 -1.82 -20.38 -33.69
N SER D 115 -1.45 -21.54 -34.25
CA SER D 115 -2.36 -22.26 -35.13
C SER D 115 -3.65 -22.62 -34.41
N TRP D 116 -3.52 -23.01 -33.15
CA TRP D 116 -4.67 -23.36 -32.33
C TRP D 116 -5.54 -22.15 -32.03
N ILE D 117 -4.91 -21.01 -31.68
CA ILE D 117 -5.64 -19.75 -31.60
C ILE D 117 -6.42 -19.52 -32.88
N ALA D 118 -5.74 -19.65 -34.01
CA ALA D 118 -6.35 -19.36 -35.30
C ALA D 118 -7.48 -20.34 -35.61
N ARG D 119 -7.26 -21.62 -35.32
CA ARG D 119 -8.30 -22.62 -35.55
C ARG D 119 -9.56 -22.31 -34.73
N VAL D 120 -9.39 -21.72 -33.54
CA VAL D 120 -10.54 -21.44 -32.68
C VAL D 120 -11.26 -20.17 -33.13
N ASN D 121 -10.50 -19.12 -33.45
CA ASN D 121 -11.12 -17.89 -33.92
C ASN D 121 -11.28 -17.93 -35.44
N ASP E 12 -20.58 -38.67 -10.20
CA ASP E 12 -20.77 -37.84 -9.01
C ASP E 12 -19.43 -37.58 -8.33
N GLN E 13 -19.31 -36.44 -7.64
CA GLN E 13 -18.03 -36.03 -7.08
C GLN E 13 -17.50 -37.06 -6.09
N MET E 14 -18.39 -37.68 -5.31
CA MET E 14 -17.94 -38.60 -4.27
C MET E 14 -17.18 -39.78 -4.86
N LEU E 15 -17.72 -40.36 -5.94
CA LEU E 15 -17.07 -41.49 -6.58
C LEU E 15 -15.70 -41.11 -7.13
N ILE E 16 -15.63 -40.07 -7.97
CA ILE E 16 -14.35 -39.68 -8.55
C ILE E 16 -13.32 -39.45 -7.46
N VAL E 17 -13.70 -38.72 -6.41
CA VAL E 17 -12.74 -38.38 -5.37
C VAL E 17 -12.28 -39.63 -4.65
N GLU E 18 -13.18 -40.56 -4.33
CA GLU E 18 -12.76 -41.80 -3.69
C GLU E 18 -11.83 -42.61 -4.57
N ARG E 19 -12.06 -42.59 -5.89
CA ARG E 19 -11.16 -43.27 -6.80
C ARG E 19 -9.90 -42.46 -7.04
N TYR E 20 -10.01 -41.13 -6.97
CA TYR E 20 -8.83 -40.28 -7.07
C TYR E 20 -8.03 -40.31 -5.79
N GLU E 21 -8.69 -40.52 -4.64
CA GLU E 21 -7.95 -40.77 -3.41
C GLU E 21 -6.98 -41.92 -3.58
N ARG E 22 -7.32 -42.90 -4.43
CA ARG E 22 -6.39 -43.99 -4.71
C ARG E 22 -5.20 -43.50 -5.53
N VAL E 23 -5.43 -42.60 -6.49
CA VAL E 23 -4.33 -41.93 -7.17
C VAL E 23 -3.42 -41.25 -6.16
N ILE E 24 -4.01 -40.36 -5.35
CA ILE E 24 -3.27 -39.67 -4.31
C ILE E 24 -2.58 -40.67 -3.40
N SER E 25 -3.29 -41.68 -2.94
CA SER E 25 -2.68 -42.65 -2.03
C SER E 25 -1.54 -43.40 -2.69
N TYR E 26 -1.55 -43.52 -4.01
CA TYR E 26 -0.41 -44.09 -4.70
C TYR E 26 0.66 -43.05 -4.97
N LEU E 27 0.24 -41.90 -5.48
CA LEU E 27 1.18 -40.89 -5.98
C LEU E 27 1.75 -40.02 -4.87
N TYR E 28 0.96 -39.70 -3.86
CA TYR E 28 1.49 -38.89 -2.77
C TYR E 28 2.76 -39.48 -2.18
N PRO E 29 2.81 -40.76 -1.80
CA PRO E 29 4.11 -41.35 -1.40
C PRO E 29 5.21 -41.19 -2.44
N ILE E 30 4.83 -41.34 -3.72
CA ILE E 30 5.76 -41.24 -4.84
C ILE E 30 6.20 -39.80 -5.05
N ALA E 31 5.28 -38.87 -4.84
CA ALA E 31 5.49 -37.45 -5.01
C ALA E 31 6.22 -36.84 -3.84
N GLN E 32 6.31 -37.60 -2.77
CA GLN E 32 7.04 -37.12 -1.60
C GLN E 32 8.43 -37.71 -1.70
N SER E 33 8.60 -38.65 -2.62
CA SER E 33 9.95 -39.22 -2.84
C SER E 33 10.69 -38.37 -3.86
N ILE E 34 10.00 -37.81 -4.84
CA ILE E 34 10.61 -36.94 -5.84
C ILE E 34 11.67 -36.11 -5.16
N PRO E 35 12.91 -36.12 -5.65
CA PRO E 35 13.99 -35.53 -4.88
C PRO E 35 13.80 -34.05 -4.65
N ARG E 36 14.36 -33.59 -3.54
CA ARG E 36 14.41 -32.15 -3.31
C ARG E 36 14.96 -31.44 -4.54
N LYS E 37 15.97 -32.02 -5.19
CA LYS E 37 16.48 -31.46 -6.45
C LYS E 37 15.34 -31.15 -7.41
N HIS E 38 14.44 -32.11 -7.63
CA HIS E 38 13.21 -31.85 -8.38
C HIS E 38 12.09 -31.40 -7.46
N GLY E 39 12.42 -30.44 -6.61
CA GLY E 39 11.52 -30.06 -5.52
C GLY E 39 10.37 -29.19 -5.98
N VAL E 40 10.65 -28.25 -6.88
CA VAL E 40 9.56 -27.46 -7.46
C VAL E 40 8.60 -28.35 -8.22
N ALA E 41 9.12 -29.20 -9.09
CA ALA E 41 8.28 -30.16 -9.79
C ALA E 41 7.51 -31.01 -8.81
N ARG E 42 8.16 -31.48 -7.75
CA ARG E 42 7.49 -32.27 -6.74
C ARG E 42 6.37 -31.49 -6.07
N GLU E 43 6.69 -30.33 -5.49
CA GLU E 43 5.66 -29.55 -4.81
C GLU E 43 4.55 -29.15 -5.78
N MET E 44 4.90 -28.92 -7.06
CA MET E 44 3.87 -28.66 -8.07
C MET E 44 3.10 -29.92 -8.42
N PHE E 45 3.80 -31.05 -8.46
CA PHE E 45 3.13 -32.33 -8.65
C PHE E 45 2.20 -32.63 -7.49
N LEU E 46 2.69 -32.47 -6.27
CA LEU E 46 1.86 -32.67 -5.09
C LEU E 46 0.69 -31.70 -5.09
N LYS E 47 0.91 -30.45 -5.47
CA LYS E 47 -0.20 -29.52 -5.55
C LYS E 47 -1.12 -29.83 -6.72
N CYS E 48 -0.62 -30.53 -7.74
CA CYS E 48 -1.50 -31.02 -8.79
C CYS E 48 -2.24 -32.27 -8.33
N LEU E 49 -1.53 -33.16 -7.63
CA LEU E 49 -2.17 -34.37 -7.07
C LEU E 49 -3.14 -33.88 -6.02
N LEU E 50 -2.70 -33.83 -4.76
CA LEU E 50 -3.56 -33.24 -3.73
C LEU E 50 -3.88 -31.88 -4.31
N GLY E 51 -5.10 -31.63 -4.73
CA GLY E 51 -5.35 -30.34 -5.40
C GLY E 51 -6.33 -30.63 -6.49
N GLN E 52 -6.10 -31.72 -7.20
CA GLN E 52 -7.07 -32.20 -8.15
C GLN E 52 -8.33 -32.68 -7.42
N VAL E 53 -8.18 -33.12 -6.18
CA VAL E 53 -9.33 -33.32 -5.30
C VAL E 53 -10.22 -32.10 -5.29
N GLU E 54 -9.63 -30.93 -5.08
CA GLU E 54 -10.40 -29.70 -5.10
C GLU E 54 -11.06 -29.48 -6.45
N LEU E 55 -10.38 -29.83 -7.54
CA LEU E 55 -10.96 -29.69 -8.87
C LEU E 55 -12.18 -30.58 -9.04
N PHE E 56 -12.08 -31.85 -8.63
CA PHE E 56 -13.24 -32.72 -8.63
C PHE E 56 -14.33 -32.18 -7.73
N ILE E 57 -13.96 -31.83 -6.51
CA ILE E 57 -14.91 -31.40 -5.50
C ILE E 57 -15.66 -30.17 -5.98
N VAL E 58 -14.93 -29.17 -6.49
CA VAL E 58 -15.56 -27.97 -7.06
C VAL E 58 -16.49 -28.35 -8.19
N ALA E 59 -16.08 -29.32 -8.99
CA ALA E 59 -16.92 -29.76 -10.10
C ALA E 59 -18.22 -30.38 -9.60
N GLY E 60 -18.15 -31.08 -8.46
CA GLY E 60 -19.31 -31.79 -7.94
C GLY E 60 -20.23 -30.97 -7.08
N LYS E 61 -19.67 -30.07 -6.30
CA LYS E 61 -20.48 -29.22 -5.44
C LYS E 61 -21.04 -28.02 -6.16
N SER E 62 -20.68 -27.84 -7.41
CA SER E 62 -21.30 -26.83 -8.23
C SER E 62 -21.69 -27.56 -9.50
N ASN E 63 -21.98 -26.77 -10.52
CA ASN E 63 -22.12 -27.36 -11.82
C ASN E 63 -21.97 -26.25 -12.83
N GLN E 64 -21.01 -26.42 -13.70
CA GLN E 64 -20.88 -25.58 -14.86
C GLN E 64 -20.34 -26.38 -16.00
N VAL E 65 -19.87 -27.60 -15.74
CA VAL E 65 -19.29 -28.50 -16.73
C VAL E 65 -17.91 -27.96 -17.14
N SER E 66 -17.73 -26.64 -17.02
CA SER E 66 -16.39 -26.06 -17.06
C SER E 66 -15.59 -26.49 -15.85
N LYS E 67 -16.25 -26.66 -14.71
CA LYS E 67 -15.56 -27.16 -13.52
C LYS E 67 -15.28 -28.65 -13.65
N LEU E 68 -16.12 -29.37 -14.40
CA LEU E 68 -15.87 -30.78 -14.72
C LEU E 68 -14.85 -30.94 -15.83
N TYR E 69 -14.56 -29.88 -16.58
CA TYR E 69 -13.44 -29.90 -17.50
C TYR E 69 -12.16 -29.49 -16.79
N ALA E 70 -12.25 -28.51 -15.88
CA ALA E 70 -11.10 -28.12 -15.09
C ALA E 70 -10.61 -29.28 -14.23
N ALA E 71 -11.52 -30.15 -13.79
CA ALA E 71 -11.12 -31.39 -13.14
C ALA E 71 -10.40 -32.30 -14.12
N ASP E 72 -10.86 -32.34 -15.38
CA ASP E 72 -10.20 -33.14 -16.40
C ASP E 72 -8.85 -32.57 -16.76
N ALA E 73 -8.77 -31.26 -16.90
CA ALA E 73 -7.49 -30.59 -17.09
C ALA E 73 -6.53 -30.91 -15.95
N GLY E 74 -7.03 -30.93 -14.71
CA GLY E 74 -6.18 -31.28 -13.59
C GLY E 74 -5.71 -32.71 -13.64
N LEU E 75 -6.60 -33.64 -14.00
CA LEU E 75 -6.23 -35.02 -14.22
C LEU E 75 -5.24 -35.14 -15.37
N ALA E 76 -5.45 -34.37 -16.43
CA ALA E 76 -4.52 -34.36 -17.55
C ALA E 76 -3.18 -33.77 -17.13
N MET E 77 -3.22 -32.72 -16.32
CA MET E 77 -2.00 -32.16 -15.74
C MET E 77 -1.32 -33.16 -14.82
N LEU E 78 -2.11 -33.88 -14.02
CA LEU E 78 -1.54 -34.94 -13.19
C LEU E 78 -0.90 -36.01 -14.05
N ARG E 79 -1.54 -36.39 -15.16
CA ARG E 79 -0.92 -37.30 -16.10
C ARG E 79 0.35 -36.71 -16.68
N PHE E 80 0.34 -35.43 -17.02
CA PHE E 80 1.57 -34.78 -17.43
C PHE E 80 2.65 -34.92 -16.37
N TRP E 81 2.30 -34.59 -15.13
CA TRP E 81 3.27 -34.69 -14.04
C TRP E 81 3.86 -36.07 -13.96
N LEU E 82 3.04 -37.10 -14.13
CA LEU E 82 3.58 -38.45 -14.16
C LEU E 82 4.60 -38.60 -15.28
N ARG E 83 4.21 -38.27 -16.51
CA ARG E 83 5.14 -38.40 -17.62
C ARG E 83 6.35 -37.47 -17.43
N PHE E 84 6.14 -36.27 -16.89
CA PHE E 84 7.28 -35.40 -16.63
C PHE E 84 8.20 -35.96 -15.55
N LEU E 85 7.64 -36.33 -14.40
CA LEU E 85 8.45 -36.86 -13.31
C LEU E 85 9.14 -38.15 -13.70
N ALA E 86 8.54 -38.95 -14.59
CA ALA E 86 9.22 -40.11 -15.16
C ALA E 86 10.27 -39.62 -16.14
N GLY E 87 11.54 -39.68 -15.73
CA GLY E 87 12.58 -39.23 -16.63
C GLY E 87 12.67 -37.73 -16.59
N ILE E 88 12.65 -37.17 -15.38
CA ILE E 88 12.80 -35.75 -15.20
C ILE E 88 14.28 -35.36 -15.29
N GLN E 89 15.17 -36.23 -14.80
CA GLN E 89 16.61 -36.02 -14.84
C GLN E 89 17.31 -37.22 -14.22
N LYS E 90 18.61 -37.09 -13.96
CA LYS E 90 19.32 -38.15 -13.25
C LYS E 90 18.75 -38.38 -11.86
N PRO E 91 18.56 -37.36 -10.99
CA PRO E 91 17.69 -37.58 -9.84
C PRO E 91 16.34 -38.02 -10.36
N HIS E 92 16.17 -39.32 -10.54
CA HIS E 92 14.88 -39.82 -11.00
C HIS E 92 13.81 -39.53 -9.97
N ALA E 93 12.70 -38.93 -10.42
CA ALA E 93 11.59 -38.59 -9.54
C ALA E 93 10.64 -39.79 -9.45
N MET E 94 10.01 -40.11 -10.56
CA MET E 94 9.02 -41.18 -10.63
C MET E 94 9.53 -42.26 -11.55
N THR E 95 9.58 -43.49 -11.04
CA THR E 95 9.98 -44.60 -11.90
C THR E 95 8.92 -44.84 -12.97
N PRO E 96 9.33 -45.29 -14.16
CA PRO E 96 8.35 -45.52 -15.23
C PRO E 96 7.20 -46.43 -14.79
N HIS E 97 7.50 -47.43 -13.97
CA HIS E 97 6.46 -48.27 -13.40
C HIS E 97 5.45 -47.44 -12.62
N GLN E 98 5.94 -46.54 -11.76
CA GLN E 98 5.04 -45.71 -10.96
C GLN E 98 4.12 -44.88 -11.84
N VAL E 99 4.64 -44.35 -12.93
CA VAL E 99 3.81 -43.65 -13.90
C VAL E 99 2.75 -44.58 -14.47
N GLU E 100 3.12 -45.80 -14.82
CA GLU E 100 2.17 -46.76 -15.33
C GLU E 100 1.08 -47.06 -14.30
N THR E 101 1.48 -47.36 -13.07
CA THR E 101 0.52 -47.64 -12.01
C THR E 101 -0.37 -46.43 -11.74
N ALA E 102 0.23 -45.26 -11.61
CA ALA E 102 -0.54 -44.06 -11.35
C ALA E 102 -1.44 -43.71 -12.53
N GLN E 103 -0.94 -43.86 -13.76
CA GLN E 103 -1.77 -43.62 -14.93
C GLN E 103 -2.98 -44.53 -14.94
N VAL E 104 -2.85 -45.75 -14.44
CA VAL E 104 -4.01 -46.63 -14.29
C VAL E 104 -5.03 -46.02 -13.35
N LEU E 105 -4.57 -45.57 -12.18
CA LEU E 105 -5.48 -44.95 -11.20
C LEU E 105 -6.03 -43.63 -11.73
N ILE E 106 -5.18 -42.81 -12.34
CA ILE E 106 -5.66 -41.57 -12.94
C ILE E 106 -6.62 -41.88 -14.08
N ALA E 107 -6.36 -42.96 -14.82
CA ALA E 107 -7.29 -43.36 -15.87
C ALA E 107 -8.64 -43.75 -15.28
N GLU E 108 -8.63 -44.42 -14.13
CA GLU E 108 -9.89 -44.75 -13.47
C GLU E 108 -10.66 -43.49 -13.12
N VAL E 109 -9.99 -42.50 -12.53
CA VAL E 109 -10.67 -41.24 -12.25
C VAL E 109 -10.89 -40.46 -13.55
N GLY E 110 -10.05 -40.68 -14.55
CA GLY E 110 -10.36 -40.14 -15.87
C GLY E 110 -11.64 -40.70 -16.44
N ARG E 111 -11.83 -42.02 -16.35
CA ARG E 111 -13.07 -42.61 -16.83
C ARG E 111 -14.28 -42.04 -16.12
N ILE E 112 -14.21 -41.92 -14.79
CA ILE E 112 -15.31 -41.37 -14.00
C ILE E 112 -15.57 -39.92 -14.38
N LEU E 113 -14.50 -39.16 -14.56
CA LEU E 113 -14.71 -37.77 -15.01
C LEU E 113 -15.42 -37.84 -16.34
N GLY E 114 -14.83 -38.56 -17.29
CA GLY E 114 -15.43 -38.60 -18.61
C GLY E 114 -16.90 -38.94 -18.58
N SER E 115 -17.25 -40.01 -17.85
CA SER E 115 -18.66 -40.38 -17.70
C SER E 115 -19.46 -39.24 -17.08
N TRP E 116 -18.87 -38.56 -16.10
CA TRP E 116 -19.54 -37.45 -15.43
C TRP E 116 -19.70 -36.26 -16.37
N ILE E 117 -18.64 -35.93 -17.13
CA ILE E 117 -18.77 -34.91 -18.16
C ILE E 117 -19.89 -35.26 -19.12
N ALA E 118 -19.93 -36.54 -19.54
CA ALA E 118 -20.96 -36.99 -20.47
C ALA E 118 -22.34 -36.93 -19.84
N ARG E 119 -22.48 -37.39 -18.60
CA ARG E 119 -23.80 -37.36 -17.97
C ARG E 119 -24.32 -35.94 -17.81
N VAL E 120 -23.43 -34.98 -17.61
CA VAL E 120 -23.84 -33.57 -17.57
C VAL E 120 -24.15 -33.08 -18.98
N ASN E 121 -23.39 -33.53 -19.97
CA ASN E 121 -23.62 -33.13 -21.36
C ASN E 121 -24.73 -33.92 -22.03
N GLN F 13 -25.48 -15.00 6.15
CA GLN F 13 -25.03 -16.04 7.07
C GLN F 13 -23.53 -15.89 7.33
N MET F 14 -23.18 -15.15 8.40
CA MET F 14 -21.81 -15.05 8.86
C MET F 14 -21.60 -15.81 10.15
N LEU F 15 -22.62 -16.52 10.63
CA LEU F 15 -22.38 -17.58 11.58
C LEU F 15 -21.58 -18.71 10.94
N ILE F 16 -21.65 -18.81 9.62
CA ILE F 16 -20.80 -19.74 8.86
C ILE F 16 -19.34 -19.58 9.24
N VAL F 17 -18.80 -18.37 9.02
CA VAL F 17 -17.39 -18.14 9.33
C VAL F 17 -17.13 -18.37 10.80
N GLU F 18 -18.02 -17.90 11.66
CA GLU F 18 -17.78 -18.04 13.10
C GLU F 18 -18.06 -19.45 13.60
N ARG F 19 -18.65 -20.30 12.78
CA ARG F 19 -18.68 -21.72 13.07
C ARG F 19 -17.58 -22.47 12.35
N TYR F 20 -17.14 -21.93 11.22
CA TYR F 20 -15.96 -22.46 10.56
C TYR F 20 -14.69 -22.09 11.30
N GLU F 21 -14.68 -20.95 11.98
CA GLU F 21 -13.50 -20.58 12.74
C GLU F 21 -13.27 -21.49 13.92
N ARG F 22 -14.20 -22.38 14.24
CA ARG F 22 -13.90 -23.45 15.17
C ARG F 22 -13.42 -24.71 14.46
N VAL F 23 -13.78 -24.89 13.19
CA VAL F 23 -13.07 -25.86 12.37
C VAL F 23 -11.61 -25.50 12.27
N ILE F 24 -11.34 -24.25 11.86
CA ILE F 24 -9.97 -23.76 11.84
C ILE F 24 -9.32 -23.91 13.19
N SER F 25 -10.03 -23.53 14.24
CA SER F 25 -9.42 -23.61 15.57
C SER F 25 -9.15 -25.05 15.97
N TYR F 26 -9.87 -26.01 15.41
CA TYR F 26 -9.57 -27.40 15.66
C TYR F 26 -8.51 -27.93 14.69
N LEU F 27 -8.68 -27.59 13.41
CA LEU F 27 -7.88 -28.18 12.36
C LEU F 27 -6.55 -27.48 12.19
N TYR F 28 -6.49 -26.17 12.42
CA TYR F 28 -5.19 -25.51 12.26
C TYR F 28 -4.15 -26.07 13.20
N PRO F 29 -4.41 -26.27 14.50
CA PRO F 29 -3.40 -26.92 15.34
C PRO F 29 -2.87 -28.23 14.79
N ILE F 30 -3.72 -29.04 14.17
CA ILE F 30 -3.23 -30.31 13.66
C ILE F 30 -2.78 -30.19 12.21
N ALA F 31 -3.05 -29.07 11.55
CA ALA F 31 -2.43 -28.77 10.26
C ALA F 31 -1.03 -28.21 10.44
N GLN F 32 -0.85 -27.42 11.47
CA GLN F 32 0.51 -26.99 11.75
C GLN F 32 1.27 -28.28 12.06
N SER F 33 0.65 -29.27 12.71
CA SER F 33 1.34 -30.44 13.17
C SER F 33 1.91 -31.25 12.02
N ILE F 34 1.25 -31.23 10.87
CA ILE F 34 1.70 -31.98 9.71
C ILE F 34 3.18 -31.65 9.47
N PRO F 35 4.05 -32.64 9.48
CA PRO F 35 5.50 -32.36 9.40
C PRO F 35 5.90 -31.77 8.05
N ARG F 36 7.13 -31.20 7.98
CA ARG F 36 7.73 -30.84 6.70
C ARG F 36 7.57 -31.98 5.72
N LYS F 37 7.75 -33.21 6.21
CA LYS F 37 7.50 -34.41 5.43
C LYS F 37 6.23 -34.28 4.60
N HIS F 38 5.11 -34.10 5.27
CA HIS F 38 3.84 -33.86 4.58
C HIS F 38 3.56 -32.38 4.40
N GLY F 39 4.56 -31.67 3.87
CA GLY F 39 4.55 -30.22 3.88
C GLY F 39 3.67 -29.61 2.81
N VAL F 40 3.71 -30.18 1.60
CA VAL F 40 2.82 -29.72 0.54
C VAL F 40 1.38 -29.97 0.94
N ALA F 41 1.09 -31.16 1.43
CA ALA F 41 -0.24 -31.47 1.95
C ALA F 41 -0.63 -30.50 3.04
N ARG F 42 0.30 -30.18 3.94
CA ARG F 42 0.03 -29.22 5.01
C ARG F 42 -0.27 -27.84 4.44
N GLU F 43 0.66 -27.29 3.65
CA GLU F 43 0.43 -25.99 3.01
C GLU F 43 -0.92 -25.97 2.32
N MET F 44 -1.24 -27.04 1.60
CA MET F 44 -2.50 -27.12 0.89
C MET F 44 -3.67 -27.35 1.83
N PHE F 45 -3.48 -28.13 2.89
CA PHE F 45 -4.51 -28.24 3.90
C PHE F 45 -4.74 -26.91 4.60
N LEU F 46 -3.66 -26.24 5.00
CA LEU F 46 -3.79 -24.93 5.61
C LEU F 46 -4.40 -23.92 4.66
N LYS F 47 -4.03 -23.98 3.39
CA LYS F 47 -4.68 -23.11 2.42
C LYS F 47 -6.13 -23.51 2.19
N CYS F 48 -6.48 -24.77 2.42
CA CYS F 48 -7.88 -25.16 2.37
C CYS F 48 -8.61 -24.74 3.64
N LEU F 49 -7.95 -24.90 4.77
CA LEU F 49 -8.55 -24.64 6.07
C LEU F 49 -8.65 -23.15 6.32
N LEU F 50 -7.50 -22.48 6.41
CA LEU F 50 -7.48 -21.04 6.61
C LEU F 50 -7.99 -20.27 5.41
N GLY F 51 -8.10 -20.89 4.25
CA GLY F 51 -8.47 -20.19 3.04
C GLY F 51 -9.92 -20.45 2.70
N GLN F 52 -10.55 -21.27 3.52
CA GLN F 52 -11.99 -21.43 3.45
C GLN F 52 -12.72 -20.23 4.04
N VAL F 53 -12.09 -19.54 5.00
CA VAL F 53 -12.62 -18.27 5.45
C VAL F 53 -12.83 -17.33 4.28
N GLU F 54 -11.84 -17.24 3.39
CA GLU F 54 -11.99 -16.44 2.19
C GLU F 54 -13.14 -16.93 1.33
N LEU F 55 -13.32 -18.26 1.23
CA LEU F 55 -14.44 -18.80 0.46
C LEU F 55 -15.77 -18.39 1.06
N PHE F 56 -15.90 -18.46 2.38
CA PHE F 56 -17.11 -17.99 3.03
C PHE F 56 -17.27 -16.50 2.87
N ILE F 57 -16.19 -15.76 3.12
CA ILE F 57 -16.22 -14.31 3.00
C ILE F 57 -16.70 -13.89 1.62
N VAL F 58 -16.10 -14.47 0.58
CA VAL F 58 -16.52 -14.15 -0.79
C VAL F 58 -17.97 -14.52 -1.01
N ALA F 59 -18.41 -15.62 -0.40
CA ALA F 59 -19.82 -16.02 -0.51
C ALA F 59 -20.72 -15.00 0.15
N GLY F 60 -20.31 -14.44 1.29
CA GLY F 60 -21.13 -13.46 1.98
C GLY F 60 -21.00 -12.04 1.49
N LYS F 61 -20.03 -11.75 0.62
CA LYS F 61 -19.95 -10.45 -0.04
C LYS F 61 -20.67 -10.45 -1.37
N SER F 62 -21.17 -11.60 -1.78
CA SER F 62 -21.93 -11.70 -2.99
C SER F 62 -23.31 -12.26 -2.75
N ASN F 63 -23.50 -13.06 -1.69
CA ASN F 63 -24.66 -13.92 -1.59
C ASN F 63 -24.99 -14.59 -2.93
N GLN F 64 -23.98 -14.67 -3.81
CA GLN F 64 -24.12 -15.40 -5.05
C GLN F 64 -23.92 -16.85 -4.71
N VAL F 65 -24.78 -17.73 -5.23
CA VAL F 65 -24.72 -19.11 -4.80
C VAL F 65 -23.46 -19.79 -5.33
N SER F 66 -22.92 -19.29 -6.43
CA SER F 66 -21.65 -19.82 -6.94
C SER F 66 -20.57 -19.75 -5.88
N LYS F 67 -20.42 -18.60 -5.23
CA LYS F 67 -19.42 -18.47 -4.18
C LYS F 67 -19.80 -19.28 -2.95
N LEU F 68 -21.09 -19.48 -2.74
CA LEU F 68 -21.59 -20.33 -1.67
C LEU F 68 -21.29 -21.80 -1.92
N TYR F 69 -21.39 -22.23 -3.17
CA TYR F 69 -21.03 -23.58 -3.55
C TYR F 69 -19.52 -23.78 -3.50
N ALA F 70 -18.76 -22.75 -3.89
CA ALA F 70 -17.31 -22.80 -3.77
C ALA F 70 -16.89 -22.91 -2.32
N ALA F 71 -17.66 -22.31 -1.41
CA ALA F 71 -17.43 -22.50 0.01
C ALA F 71 -17.76 -23.92 0.43
N ASP F 72 -18.80 -24.52 -0.16
CA ASP F 72 -19.12 -25.91 0.10
C ASP F 72 -18.07 -26.84 -0.47
N ALA F 73 -17.62 -26.57 -1.69
CA ALA F 73 -16.51 -27.31 -2.27
C ALA F 73 -15.28 -27.21 -1.38
N GLY F 74 -15.02 -26.03 -0.80
CA GLY F 74 -13.90 -25.92 0.10
C GLY F 74 -14.08 -26.73 1.36
N LEU F 75 -15.29 -26.72 1.93
CA LEU F 75 -15.58 -27.60 3.06
C LEU F 75 -15.47 -29.06 2.67
N ALA F 76 -15.91 -29.39 1.46
CA ALA F 76 -15.75 -30.75 0.98
C ALA F 76 -14.28 -31.09 0.76
N MET F 77 -13.52 -30.12 0.24
CA MET F 77 -12.07 -30.28 0.13
C MET F 77 -11.44 -30.39 1.51
N LEU F 78 -11.93 -29.61 2.46
CA LEU F 78 -11.45 -29.73 3.84
C LEU F 78 -11.77 -31.11 4.41
N ARG F 79 -12.98 -31.63 4.12
CA ARG F 79 -13.29 -33.01 4.47
C ARG F 79 -12.31 -33.96 3.80
N PHE F 80 -12.01 -33.73 2.53
CA PHE F 80 -11.00 -34.55 1.90
C PHE F 80 -9.70 -34.47 2.66
N TRP F 81 -9.25 -33.26 2.99
CA TRP F 81 -8.00 -33.10 3.70
C TRP F 81 -8.01 -33.89 5.00
N LEU F 82 -9.15 -33.91 5.70
CA LEU F 82 -9.23 -34.75 6.90
C LEU F 82 -9.01 -36.20 6.55
N ARG F 83 -9.76 -36.73 5.57
CA ARG F 83 -9.58 -38.13 5.21
C ARG F 83 -8.18 -38.39 4.65
N PHE F 84 -7.62 -37.43 3.92
CA PHE F 84 -6.25 -37.58 3.45
C PHE F 84 -5.26 -37.59 4.62
N LEU F 85 -5.34 -36.59 5.49
CA LEU F 85 -4.42 -36.49 6.61
C LEU F 85 -4.58 -37.66 7.56
N ALA F 86 -5.73 -38.34 7.58
CA ALA F 86 -5.89 -39.54 8.36
C ALA F 86 -4.89 -40.60 7.91
N GLY F 87 -5.03 -41.07 6.68
CA GLY F 87 -4.18 -42.10 6.13
C GLY F 87 -2.90 -41.55 5.52
N ILE F 88 -2.23 -40.69 6.29
CA ILE F 88 -0.92 -40.17 5.89
C ILE F 88 0.20 -40.97 6.53
N GLN F 89 -0.13 -41.89 7.44
CA GLN F 89 0.74 -42.93 8.00
C GLN F 89 1.72 -42.37 9.01
N LYS F 90 2.43 -43.26 9.70
CA LYS F 90 3.57 -42.90 10.53
C LYS F 90 3.10 -42.10 11.75
N PRO F 91 4.01 -41.48 12.55
CA PRO F 91 3.55 -40.63 13.65
C PRO F 91 3.06 -39.26 13.22
N HIS F 92 2.71 -39.08 11.95
CA HIS F 92 2.23 -37.80 11.46
C HIS F 92 0.75 -37.84 11.13
N ALA F 93 0.09 -38.97 11.30
CA ALA F 93 -1.28 -39.13 10.88
C ALA F 93 -2.21 -38.28 11.72
N MET F 94 -3.08 -37.52 11.06
CA MET F 94 -4.23 -36.98 11.76
C MET F 94 -4.96 -38.15 12.41
N THR F 95 -4.98 -38.19 13.74
CA THR F 95 -5.54 -39.33 14.43
C THR F 95 -7.01 -39.52 14.04
N PRO F 96 -7.50 -40.76 13.98
CA PRO F 96 -8.88 -40.99 13.53
C PRO F 96 -9.89 -40.17 14.30
N HIS F 97 -9.68 -40.05 15.61
CA HIS F 97 -10.46 -39.16 16.45
C HIS F 97 -10.56 -37.76 15.83
N GLN F 98 -9.40 -37.15 15.56
CA GLN F 98 -9.39 -35.77 15.06
C GLN F 98 -10.11 -35.66 13.72
N VAL F 99 -9.96 -36.66 12.85
CA VAL F 99 -10.73 -36.64 11.60
C VAL F 99 -12.22 -36.62 11.91
N GLU F 100 -12.65 -37.46 12.85
CA GLU F 100 -14.05 -37.50 13.24
C GLU F 100 -14.46 -36.23 13.97
N THR F 101 -13.67 -35.79 14.95
CA THR F 101 -13.98 -34.60 15.75
C THR F 101 -13.66 -33.29 15.04
N ALA F 102 -13.19 -33.35 13.80
CA ALA F 102 -13.16 -32.19 12.92
C ALA F 102 -14.25 -32.24 11.87
N GLN F 103 -14.49 -33.44 11.35
CA GLN F 103 -15.66 -33.67 10.51
C GLN F 103 -16.92 -33.22 11.21
N VAL F 104 -16.98 -33.34 12.54
CA VAL F 104 -18.10 -32.79 13.30
C VAL F 104 -18.14 -31.28 13.17
N LEU F 105 -17.00 -30.63 13.39
CA LEU F 105 -16.90 -29.18 13.24
C LEU F 105 -17.23 -28.75 11.82
N ILE F 106 -16.61 -29.41 10.83
CA ILE F 106 -16.89 -29.11 9.43
C ILE F 106 -18.33 -29.41 9.09
N ALA F 107 -18.91 -30.45 9.69
CA ALA F 107 -20.31 -30.74 9.46
C ALA F 107 -21.20 -29.63 9.98
N GLU F 108 -20.84 -29.04 11.13
CA GLU F 108 -21.60 -27.92 11.64
C GLU F 108 -21.55 -26.75 10.66
N VAL F 109 -20.34 -26.43 10.16
CA VAL F 109 -20.21 -25.45 9.08
C VAL F 109 -20.88 -25.94 7.81
N GLY F 110 -20.86 -27.24 7.55
CA GLY F 110 -21.58 -27.78 6.42
C GLY F 110 -23.07 -27.56 6.54
N ARG F 111 -23.63 -27.81 7.73
CA ARG F 111 -25.05 -27.55 7.97
C ARG F 111 -25.39 -26.10 7.67
N ILE F 112 -24.61 -25.19 8.24
CA ILE F 112 -24.86 -23.75 7.96
C ILE F 112 -24.80 -23.56 6.45
N LEU F 113 -23.63 -23.79 5.86
CA LEU F 113 -23.49 -23.52 4.41
C LEU F 113 -24.70 -24.09 3.71
N GLY F 114 -25.07 -25.33 4.05
CA GLY F 114 -26.26 -25.92 3.44
C GLY F 114 -27.45 -24.99 3.57
N SER F 115 -27.85 -24.70 4.81
CA SER F 115 -28.97 -23.80 5.05
C SER F 115 -28.82 -22.50 4.26
N TRP F 116 -27.60 -21.99 4.19
CA TRP F 116 -27.30 -20.77 3.44
C TRP F 116 -27.52 -20.98 1.94
N ILE F 117 -27.02 -22.10 1.42
CA ILE F 117 -27.29 -22.47 0.04
C ILE F 117 -28.80 -22.54 -0.21
N ALA F 118 -29.52 -23.15 0.72
CA ALA F 118 -30.97 -23.29 0.58
C ALA F 118 -31.68 -21.94 0.67
N ARG F 119 -31.29 -21.12 1.66
CA ARG F 119 -31.83 -19.76 1.79
C ARG F 119 -31.72 -18.99 0.48
N VAL F 120 -30.57 -19.12 -0.19
CA VAL F 120 -30.37 -18.43 -1.46
C VAL F 120 -31.13 -19.13 -2.59
N ASN F 121 -31.15 -20.47 -2.57
CA ASN F 121 -31.76 -21.20 -3.67
C ASN F 121 -33.28 -21.03 -3.68
N ARG F 122 -33.93 -21.16 -2.51
CA ARG F 122 -35.31 -20.73 -2.37
C ARG F 122 -35.31 -19.32 -1.78
N LYS F 123 -34.96 -18.37 -2.65
CA LYS F 123 -34.88 -16.94 -2.33
C LYS F 123 -35.92 -16.49 -1.31
#